data_4GAV
#
_entry.id   4GAV
#
_cell.length_a   65.589
_cell.length_b   111.926
_cell.length_c   165.525
_cell.angle_alpha   90.00
_cell.angle_beta   90.00
_cell.angle_gamma   90.00
#
_symmetry.space_group_name_H-M   'P 21 21 21'
#
loop_
_entity.id
_entity.type
_entity.pdbx_description
1 polymer 'Rotenone-insensitive NADH-ubiquinone oxidoreductase'
2 non-polymer 'FLAVIN-ADENINE DINUCLEOTIDE'
3 non-polymer UBIQUINONE-2
#
_entity_poly.entity_id   1
_entity_poly.type   'polypeptide(L)'
_entity_poly.pdbx_seq_one_letter_code
;MKVIDPQHSDKPNVLILGSGWGAISFLKHIDTKKYNVSIISPRSYFLFTPLLPSAPVGTVDEKSIIEPIVNFALKKKGNV
TYYEAEATSINPDRNTVTIKSLSAVSQLYQPENHLGLHQAEPAEIKYDYLISAVGAEPNTFGIPGVTDYGHFLKEIPNSL
EIRRTFAANLEKANLLPKGDPERRRLLSIVVVGGGPTGVEAAGELQDYVHQDLRKFLPALAEEVQIHLVEALPIVLNMFE
KKLSSYAQSHLENTSIKVHLRTAVAKVEEKQLLAKTKHEDGKITEETIPYGTLIWATGNKARPVITDLFKKIPEQNSSKR
GLAVNDFLQVKGSNNIFAIGDNAFAGLPPTAQVAHQEAEYLAKNFDKMAQIPNFQKNLSSRKDKIDLLFEENNFKPFKYN
DLGALAYLGSERAIATIRSGKRTFYTGGGLMTFYLWRILYLSMILSARSRLKVFFDWIKLAFFKRDFFKGL
;
_entity_poly.pdbx_strand_id   A,B
#
loop_
_chem_comp.id
_chem_comp.type
_chem_comp.name
_chem_comp.formula
FAD non-polymer 'FLAVIN-ADENINE DINUCLEOTIDE' 'C27 H33 N9 O15 P2'
UQ2 non-polymer UBIQUINONE-2 'C19 H26 O4'
#
# COMPACT_ATOMS: atom_id res chain seq x y z
N MET A 1 -26.18 13.57 -24.54
CA MET A 1 -27.43 13.55 -23.74
C MET A 1 -27.10 13.63 -22.25
N LYS A 2 -28.13 13.87 -21.43
CA LYS A 2 -27.98 14.11 -19.98
C LYS A 2 -27.18 15.38 -19.68
N VAL A 3 -27.87 16.38 -19.14
CA VAL A 3 -27.25 17.68 -18.83
C VAL A 3 -27.55 18.11 -17.38
N ILE A 4 -26.51 18.15 -16.54
CA ILE A 4 -26.64 18.58 -15.15
C ILE A 4 -26.48 20.09 -15.05
N ASP A 5 -27.48 20.76 -14.48
CA ASP A 5 -27.54 22.22 -14.43
C ASP A 5 -28.08 22.69 -13.08
N PRO A 6 -27.23 22.64 -12.04
CA PRO A 6 -27.65 23.06 -10.70
C PRO A 6 -27.56 24.59 -10.54
N GLN A 7 -28.71 25.25 -10.60
CA GLN A 7 -28.76 26.71 -10.41
C GLN A 7 -30.13 27.18 -9.91
N HIS A 8 -30.61 26.54 -8.85
CA HIS A 8 -31.70 27.07 -8.03
C HIS A 8 -31.14 28.21 -7.22
N SER A 9 -29.88 28.05 -6.80
CA SER A 9 -29.10 29.11 -6.16
C SER A 9 -28.89 30.28 -7.13
N ASP A 10 -28.86 31.49 -6.58
CA ASP A 10 -28.70 32.70 -7.39
C ASP A 10 -27.23 33.01 -7.71
N LYS A 11 -26.32 32.19 -7.18
CA LYS A 11 -24.88 32.40 -7.34
C LYS A 11 -24.37 31.96 -8.73
N PRO A 12 -23.26 32.55 -9.21
CA PRO A 12 -22.65 32.06 -10.44
C PRO A 12 -21.87 30.76 -10.19
N ASN A 13 -21.76 29.93 -11.22
CA ASN A 13 -21.09 28.64 -11.12
C ASN A 13 -19.67 28.67 -11.69
N VAL A 14 -18.69 28.48 -10.81
CA VAL A 14 -17.29 28.40 -11.21
C VAL A 14 -16.88 26.93 -11.26
N LEU A 15 -16.61 26.44 -12.47
CA LEU A 15 -16.23 25.05 -12.69
C LEU A 15 -14.71 24.92 -12.77
N ILE A 16 -14.17 23.97 -12.02
CA ILE A 16 -12.72 23.73 -11.99
C ILE A 16 -12.40 22.38 -12.63
N LEU A 17 -11.30 22.35 -13.40
CA LEU A 17 -10.83 21.13 -14.02
C LEU A 17 -9.49 20.74 -13.42
N GLY A 18 -9.44 19.58 -12.77
CA GLY A 18 -8.20 19.02 -12.21
C GLY A 18 -8.20 18.94 -10.69
N SER A 19 -7.27 18.16 -10.14
CA SER A 19 -7.11 18.06 -8.68
C SER A 19 -5.63 18.16 -8.27
N GLY A 20 -4.88 19.02 -8.96
CA GLY A 20 -3.45 19.24 -8.71
C GLY A 20 -3.18 20.57 -8.01
N TRP A 21 -2.02 21.16 -8.30
CA TRP A 21 -1.57 22.35 -7.58
C TRP A 21 -2.42 23.57 -7.84
N GLY A 22 -2.78 23.80 -9.10
CA GLY A 22 -3.61 24.94 -9.46
C GLY A 22 -5.04 24.85 -8.94
N ALA A 23 -5.66 23.69 -9.14
CA ALA A 23 -7.04 23.49 -8.75
C ALA A 23 -7.23 23.53 -7.23
N ILE A 24 -6.41 22.79 -6.49
CA ILE A 24 -6.54 22.75 -5.04
C ILE A 24 -6.22 24.11 -4.42
N SER A 25 -5.12 24.73 -4.86
CA SER A 25 -4.76 26.08 -4.37
C SER A 25 -5.85 27.10 -4.65
N PHE A 26 -6.44 27.06 -5.85
CA PHE A 26 -7.58 27.90 -6.18
C PHE A 26 -8.75 27.56 -5.26
N LEU A 27 -9.05 26.27 -5.10
CA LEU A 27 -10.15 25.82 -4.26
C LEU A 27 -10.05 26.34 -2.83
N LYS A 28 -8.85 26.28 -2.26
CA LYS A 28 -8.62 26.76 -0.88
C LYS A 28 -8.85 28.26 -0.71
N HIS A 29 -8.76 29.03 -1.79
CA HIS A 29 -8.87 30.49 -1.71
C HIS A 29 -10.17 31.07 -2.27
N ILE A 30 -10.88 30.30 -3.08
CA ILE A 30 -12.13 30.78 -3.67
C ILE A 30 -13.26 30.82 -2.64
N ASP A 31 -14.00 31.93 -2.62
CA ASP A 31 -15.10 32.13 -1.68
C ASP A 31 -16.34 31.33 -2.11
N THR A 32 -16.54 30.19 -1.46
CA THR A 32 -17.68 29.29 -1.77
C THR A 32 -19.05 29.86 -1.38
N LYS A 33 -19.05 30.95 -0.61
CA LYS A 33 -20.29 31.64 -0.26
C LYS A 33 -20.78 32.50 -1.43
N LYS A 34 -19.83 33.05 -2.19
CA LYS A 34 -20.15 33.86 -3.36
C LYS A 34 -20.48 33.03 -4.60
N TYR A 35 -19.80 31.90 -4.77
CA TYR A 35 -19.96 31.05 -5.96
C TYR A 35 -20.26 29.60 -5.59
N ASN A 36 -20.93 28.89 -6.50
CA ASN A 36 -21.09 27.45 -6.39
C ASN A 36 -19.94 26.79 -7.13
N VAL A 37 -19.05 26.13 -6.40
CA VAL A 37 -17.83 25.53 -6.97
C VAL A 37 -18.00 24.04 -7.28
N SER A 38 -17.47 23.61 -8.42
CA SER A 38 -17.48 22.18 -8.77
C SER A 38 -16.17 21.76 -9.42
N ILE A 39 -15.66 20.59 -9.01
CA ILE A 39 -14.42 20.05 -9.55
C ILE A 39 -14.70 18.83 -10.43
N ILE A 40 -14.02 18.78 -11.58
CA ILE A 40 -13.99 17.60 -12.43
C ILE A 40 -12.55 17.12 -12.52
N SER A 41 -12.31 15.86 -12.17
CA SER A 41 -11.00 15.26 -12.31
C SER A 41 -11.11 13.75 -12.16
N PRO A 42 -10.35 13.00 -12.96
CA PRO A 42 -10.38 11.55 -12.83
C PRO A 42 -9.69 11.08 -11.56
N ARG A 43 -8.92 11.97 -10.91
CA ARG A 43 -8.13 11.63 -9.71
C ARG A 43 -8.81 12.17 -8.45
N SER A 44 -9.18 11.27 -7.55
CA SER A 44 -9.95 11.63 -6.35
C SER A 44 -9.09 12.23 -5.23
N TYR A 45 -7.83 12.53 -5.51
CA TYR A 45 -6.92 13.02 -4.49
C TYR A 45 -5.91 14.03 -5.04
N PHE A 46 -5.26 14.74 -4.12
CA PHE A 46 -4.19 15.67 -4.44
C PHE A 46 -2.87 14.97 -4.24
N LEU A 47 -1.94 15.18 -5.18
CA LEU A 47 -0.59 14.60 -5.09
C LEU A 47 0.44 15.69 -4.77
N PHE A 48 1.29 15.45 -3.77
CA PHE A 48 2.40 16.34 -3.46
C PHE A 48 3.63 15.93 -4.30
N THR A 49 3.69 16.46 -5.52
CA THR A 49 4.65 16.00 -6.52
C THR A 49 6.13 16.11 -6.16
N PRO A 50 6.52 17.08 -5.31
CA PRO A 50 7.95 17.14 -5.00
C PRO A 50 8.52 15.95 -4.24
N LEU A 51 7.70 15.24 -3.46
CA LEU A 51 8.17 14.03 -2.75
C LEU A 51 7.88 12.73 -3.51
N LEU A 52 7.28 12.83 -4.69
CA LEU A 52 7.00 11.63 -5.49
C LEU A 52 8.24 10.80 -5.74
N PRO A 53 9.39 11.44 -6.02
CA PRO A 53 10.57 10.62 -6.27
C PRO A 53 11.09 9.79 -5.09
N SER A 54 10.58 9.98 -3.88
CA SER A 54 10.99 9.15 -2.74
C SER A 54 10.06 7.96 -2.52
N ALA A 55 8.99 7.87 -3.30
CA ALA A 55 7.98 6.86 -3.09
C ALA A 55 8.39 5.45 -3.55
N PRO A 56 8.95 5.33 -4.77
CA PRO A 56 9.26 4.00 -5.31
C PRO A 56 10.13 3.16 -4.38
N VAL A 57 11.11 3.80 -3.79
CA VAL A 57 12.13 3.13 -2.97
C VAL A 57 11.72 3.00 -1.49
N GLY A 58 10.61 3.63 -1.12
CA GLY A 58 10.04 3.47 0.22
C GLY A 58 10.57 4.41 1.30
N THR A 59 11.23 5.49 0.88
CA THR A 59 11.66 6.54 1.81
C THR A 59 10.44 7.23 2.41
N VAL A 60 9.38 7.26 1.63
CA VAL A 60 8.08 7.80 2.02
C VAL A 60 7.04 6.85 1.47
N ASP A 61 5.93 6.63 2.19
CA ASP A 61 4.87 5.77 1.66
C ASP A 61 4.02 6.54 0.67
N GLU A 62 3.45 5.84 -0.29
CA GLU A 62 2.63 6.49 -1.31
C GLU A 62 1.41 7.17 -0.67
N LYS A 63 0.82 6.54 0.35
CA LYS A 63 -0.31 7.12 1.07
C LYS A 63 0.06 8.40 1.80
N SER A 64 1.31 8.51 2.23
CA SER A 64 1.79 9.70 2.95
C SER A 64 1.74 10.99 2.13
N ILE A 65 1.96 10.89 0.81
CA ILE A 65 2.09 12.10 -0.03
C ILE A 65 0.85 12.42 -0.86
N ILE A 66 -0.29 11.82 -0.51
CA ILE A 66 -1.56 12.18 -1.16
C ILE A 66 -2.61 12.55 -0.14
N GLU A 67 -3.63 13.30 -0.59
CA GLU A 67 -4.71 13.78 0.28
C GLU A 67 -6.02 13.84 -0.52
N PRO A 68 -7.03 13.07 -0.10
CA PRO A 68 -8.33 13.10 -0.75
C PRO A 68 -8.90 14.51 -0.93
N ILE A 69 -9.53 14.75 -2.07
CA ILE A 69 -10.14 16.04 -2.38
C ILE A 69 -11.17 16.40 -1.33
N VAL A 70 -12.01 15.45 -0.95
CA VAL A 70 -13.17 15.72 -0.06
C VAL A 70 -12.76 16.37 1.27
N ASN A 71 -11.56 16.07 1.73
CA ASN A 71 -11.02 16.69 2.94
C ASN A 71 -10.80 18.19 2.77
N PHE A 72 -10.34 18.61 1.59
CA PHE A 72 -10.21 20.03 1.26
C PHE A 72 -11.58 20.69 1.17
N ALA A 73 -12.49 20.05 0.42
CA ALA A 73 -13.85 20.57 0.23
C ALA A 73 -14.65 20.64 1.55
N LEU A 74 -14.33 19.75 2.49
CA LEU A 74 -15.06 19.68 3.75
C LEU A 74 -14.78 20.90 4.64
N LYS A 75 -13.58 21.46 4.53
CA LYS A 75 -13.20 22.65 5.29
C LYS A 75 -13.80 23.94 4.70
N LYS A 76 -14.31 23.85 3.46
CA LYS A 76 -15.02 24.98 2.83
C LYS A 76 -16.41 25.22 3.44
N LYS A 77 -16.84 26.48 3.43
CA LYS A 77 -18.10 26.88 4.06
C LYS A 77 -19.31 26.57 3.18
N GLY A 78 -19.25 26.99 1.92
CA GLY A 78 -20.34 26.77 0.99
C GLY A 78 -20.38 25.36 0.42
N ASN A 79 -21.04 25.22 -0.72
CA ASN A 79 -21.23 23.93 -1.36
C ASN A 79 -20.11 23.67 -2.35
N VAL A 80 -19.66 22.42 -2.41
CA VAL A 80 -18.70 21.99 -3.43
C VAL A 80 -19.05 20.59 -3.92
N THR A 81 -18.94 20.37 -5.22
CA THR A 81 -19.33 19.09 -5.84
C THR A 81 -18.23 18.55 -6.74
N TYR A 82 -17.88 17.28 -6.55
CA TYR A 82 -16.79 16.63 -7.28
C TYR A 82 -17.29 15.50 -8.19
N TYR A 83 -17.04 15.65 -9.49
CA TYR A 83 -17.29 14.59 -10.46
C TYR A 83 -15.99 13.79 -10.71
N GLU A 84 -15.97 12.54 -10.26
CA GLU A 84 -14.84 11.65 -10.54
C GLU A 84 -14.89 11.19 -11.98
N ALA A 85 -14.34 12.00 -12.88
CA ALA A 85 -14.31 11.71 -14.31
C ALA A 85 -13.36 12.65 -15.04
N GLU A 86 -13.01 12.34 -16.28
CA GLU A 86 -12.11 13.21 -17.05
C GLU A 86 -12.87 14.08 -18.03
N ALA A 87 -12.40 15.31 -18.21
CA ALA A 87 -12.94 16.21 -19.22
C ALA A 87 -12.42 15.72 -20.57
N THR A 88 -13.34 15.58 -21.52
CA THR A 88 -12.99 15.14 -22.88
C THR A 88 -13.03 16.30 -23.87
N SER A 89 -14.07 17.12 -23.78
CA SER A 89 -14.25 18.23 -24.71
C SER A 89 -14.68 19.51 -24.00
N ILE A 90 -14.00 20.62 -24.29
CA ILE A 90 -14.36 21.93 -23.77
C ILE A 90 -15.19 22.66 -24.82
N ASN A 91 -16.38 23.13 -24.45
CA ASN A 91 -17.35 23.71 -25.39
C ASN A 91 -17.67 25.17 -25.09
N PRO A 92 -16.92 26.12 -25.70
CA PRO A 92 -17.13 27.54 -25.40
C PRO A 92 -18.50 28.06 -25.83
N ASP A 93 -18.91 27.76 -27.06
CA ASP A 93 -20.20 28.20 -27.61
C ASP A 93 -21.39 27.77 -26.75
N ARG A 94 -21.35 26.55 -26.25
CA ARG A 94 -22.43 26.01 -25.40
C ARG A 94 -22.22 26.36 -23.92
N ASN A 95 -21.00 26.76 -23.57
CA ASN A 95 -20.58 26.91 -22.17
C ASN A 95 -20.80 25.63 -21.37
N THR A 96 -20.21 24.54 -21.87
CA THR A 96 -20.26 23.25 -21.19
C THR A 96 -18.93 22.51 -21.30
N VAL A 97 -18.78 21.45 -20.50
CA VAL A 97 -17.64 20.55 -20.60
C VAL A 97 -18.16 19.12 -20.63
N THR A 98 -17.76 18.36 -21.65
CA THR A 98 -18.16 16.96 -21.79
C THR A 98 -17.29 16.08 -20.89
N ILE A 99 -17.88 15.03 -20.32
CA ILE A 99 -17.17 14.14 -19.39
C ILE A 99 -17.31 12.66 -19.75
N LYS A 100 -16.39 11.85 -19.25
CA LYS A 100 -16.33 10.42 -19.55
C LYS A 100 -15.84 9.63 -18.32
N SER A 101 -16.28 8.38 -18.22
CA SER A 101 -15.82 7.44 -17.18
C SER A 101 -16.19 7.87 -15.77
N LEU A 102 -17.49 8.02 -15.50
CA LEU A 102 -17.96 8.38 -14.16
C LEU A 102 -17.77 7.22 -13.19
N SER A 103 -16.94 7.44 -12.17
CA SER A 103 -16.64 6.45 -11.14
C SER A 103 -17.37 6.74 -9.81
N ALA A 104 -17.63 8.02 -9.55
CA ALA A 104 -18.25 8.45 -8.30
C ALA A 104 -18.73 9.90 -8.36
N VAL A 105 -19.66 10.23 -7.46
CA VAL A 105 -20.16 11.60 -7.29
C VAL A 105 -20.16 11.92 -5.80
N SER A 106 -19.57 13.04 -5.41
CA SER A 106 -19.63 13.50 -4.03
C SER A 106 -20.20 14.92 -3.94
N GLN A 107 -21.19 15.11 -3.09
CA GLN A 107 -21.86 16.40 -2.92
C GLN A 107 -21.82 16.86 -1.46
N LEU A 108 -20.73 17.54 -1.09
CA LEU A 108 -20.51 17.91 0.31
C LEU A 108 -21.26 19.18 0.70
N TYR A 109 -21.84 19.16 1.90
CA TYR A 109 -22.72 20.24 2.41
C TYR A 109 -23.93 20.48 1.50
N GLN A 110 -24.39 19.43 0.83
CA GLN A 110 -25.53 19.50 -0.08
C GLN A 110 -26.50 18.34 0.14
N PRO A 111 -27.11 18.26 1.35
CA PRO A 111 -28.10 17.22 1.59
C PRO A 111 -29.44 17.54 0.90
N GLU A 112 -29.54 17.23 -0.39
CA GLU A 112 -30.80 17.43 -1.13
C GLU A 112 -30.90 16.58 -2.43
N ASN A 113 -30.22 17.00 -3.49
CA ASN A 113 -30.54 16.52 -4.85
C ASN A 113 -30.04 15.11 -5.20
N HIS A 114 -30.57 14.59 -6.30
CA HIS A 114 -30.19 13.29 -6.87
C HIS A 114 -30.00 13.43 -8.36
N LEU A 115 -28.80 13.12 -8.84
CA LEU A 115 -28.46 13.30 -10.25
C LEU A 115 -29.15 12.27 -11.14
N GLY A 116 -29.10 11.00 -10.74
CA GLY A 116 -29.63 9.92 -11.56
C GLY A 116 -28.68 9.60 -12.69
N LEU A 117 -27.46 9.24 -12.32
CA LEU A 117 -26.41 8.91 -13.28
C LEU A 117 -25.88 7.50 -13.06
N HIS A 118 -25.89 6.68 -14.11
CA HIS A 118 -25.23 5.38 -14.10
C HIS A 118 -23.76 5.59 -14.32
N GLN A 119 -22.96 4.57 -14.05
CA GLN A 119 -21.50 4.66 -14.21
C GLN A 119 -21.09 4.58 -15.69
N ALA A 120 -20.02 5.30 -16.02
CA ALA A 120 -19.52 5.41 -17.40
C ALA A 120 -20.53 6.04 -18.38
N GLU A 121 -21.46 6.83 -17.86
CA GLU A 121 -22.49 7.48 -18.69
C GLU A 121 -21.99 8.86 -19.14
N PRO A 122 -21.98 9.13 -20.47
CA PRO A 122 -21.61 10.46 -20.96
C PRO A 122 -22.54 11.58 -20.45
N ALA A 123 -22.00 12.79 -20.32
CA ALA A 123 -22.77 13.93 -19.80
C ALA A 123 -22.17 15.29 -20.19
N GLU A 124 -22.94 16.36 -19.93
CA GLU A 124 -22.48 17.74 -20.12
C GLU A 124 -22.73 18.55 -18.84
N ILE A 125 -21.72 19.31 -18.41
CA ILE A 125 -21.81 20.13 -17.20
C ILE A 125 -21.82 21.63 -17.54
N LYS A 126 -22.92 22.31 -17.18
CA LYS A 126 -23.06 23.75 -17.42
C LYS A 126 -22.08 24.54 -16.56
N TYR A 127 -21.72 25.73 -17.01
CA TYR A 127 -20.89 26.64 -16.21
C TYR A 127 -21.05 28.10 -16.63
N ASP A 128 -20.77 29.01 -15.69
CA ASP A 128 -20.75 30.44 -15.96
C ASP A 128 -19.31 30.94 -16.12
N TYR A 129 -18.42 30.43 -15.27
CA TYR A 129 -16.98 30.69 -15.39
C TYR A 129 -16.22 29.36 -15.32
N LEU A 130 -15.08 29.29 -16.01
CA LEU A 130 -14.32 28.04 -16.08
C LEU A 130 -12.85 28.28 -15.81
N ILE A 131 -12.29 27.53 -14.85
CA ILE A 131 -10.87 27.56 -14.53
C ILE A 131 -10.23 26.24 -14.97
N SER A 132 -9.27 26.33 -15.88
CA SER A 132 -8.66 25.14 -16.47
C SER A 132 -7.26 24.91 -15.90
N ALA A 133 -7.10 23.80 -15.20
CA ALA A 133 -5.81 23.41 -14.63
C ALA A 133 -5.59 21.91 -14.72
N VAL A 134 -5.77 21.34 -15.91
CA VAL A 134 -5.52 19.91 -16.11
C VAL A 134 -4.05 19.53 -16.12
N GLY A 135 -3.18 20.52 -16.25
CA GLY A 135 -1.74 20.29 -16.30
C GLY A 135 -1.33 19.68 -17.64
N ALA A 136 -0.04 19.37 -17.77
CA ALA A 136 0.49 18.77 -18.98
C ALA A 136 0.65 17.25 -18.81
N GLU A 137 1.15 16.60 -19.85
CA GLU A 137 1.51 15.17 -19.79
C GLU A 137 2.94 15.00 -20.31
N PRO A 138 3.57 13.84 -20.00
CA PRO A 138 4.98 13.67 -20.38
C PRO A 138 5.22 13.71 -21.89
N ASN A 139 6.38 14.24 -22.27
CA ASN A 139 6.76 14.36 -23.67
C ASN A 139 7.87 13.35 -23.97
N THR A 140 7.63 12.46 -24.93
CA THR A 140 8.65 11.52 -25.37
C THR A 140 9.47 12.05 -26.56
N PHE A 141 9.13 13.24 -27.05
CA PHE A 141 9.80 13.86 -28.19
C PHE A 141 9.74 13.03 -29.47
N GLY A 142 8.74 12.16 -29.56
CA GLY A 142 8.60 11.24 -30.69
C GLY A 142 9.71 10.20 -30.83
N ILE A 143 10.42 9.94 -29.72
CA ILE A 143 11.53 8.99 -29.75
C ILE A 143 10.95 7.60 -29.52
N PRO A 144 11.08 6.70 -30.52
CA PRO A 144 10.38 5.41 -30.46
C PRO A 144 10.74 4.56 -29.26
N GLY A 145 9.78 3.76 -28.81
CA GLY A 145 10.00 2.76 -27.76
C GLY A 145 9.95 3.25 -26.34
N VAL A 146 9.71 4.55 -26.13
CA VAL A 146 9.71 5.11 -24.79
C VAL A 146 8.52 4.63 -23.98
N THR A 147 7.33 4.66 -24.59
CA THR A 147 6.09 4.24 -23.93
C THR A 147 5.98 2.72 -23.81
N ASP A 148 6.73 1.98 -24.63
CA ASP A 148 6.72 0.52 -24.59
C ASP A 148 7.53 -0.05 -23.42
N TYR A 149 8.67 0.56 -23.10
CA TYR A 149 9.58 -0.01 -22.11
C TYR A 149 9.97 0.95 -20.98
N GLY A 150 9.55 2.21 -21.07
CA GLY A 150 9.90 3.19 -20.06
C GLY A 150 8.82 3.37 -19.01
N HIS A 151 9.22 3.91 -17.87
CA HIS A 151 8.29 4.34 -16.83
C HIS A 151 8.38 5.84 -16.74
N PHE A 152 7.25 6.53 -16.88
CA PHE A 152 7.20 7.95 -16.54
C PHE A 152 7.20 8.07 -15.02
N LEU A 153 7.50 9.28 -14.53
CA LEU A 153 7.53 9.53 -13.09
C LEU A 153 6.58 10.68 -12.79
N LYS A 154 5.31 10.44 -13.05
CA LYS A 154 4.28 11.49 -13.00
C LYS A 154 3.22 11.26 -11.92
N GLU A 155 2.81 10.02 -11.69
CA GLU A 155 1.66 9.70 -10.84
C GLU A 155 1.92 8.50 -9.92
N ILE A 156 1.10 8.35 -8.87
CA ILE A 156 1.29 7.27 -7.89
C ILE A 156 1.44 5.87 -8.53
N PRO A 157 0.58 5.54 -9.51
CA PRO A 157 0.75 4.24 -10.17
C PRO A 157 2.16 4.03 -10.72
N ASN A 158 2.76 5.09 -11.26
CA ASN A 158 4.13 5.02 -11.77
C ASN A 158 5.12 4.61 -10.69
N SER A 159 4.91 5.07 -9.46
CA SER A 159 5.78 4.68 -8.35
C SER A 159 5.71 3.17 -8.09
N LEU A 160 4.50 2.61 -8.19
CA LEU A 160 4.31 1.17 -7.95
C LEU A 160 4.90 0.32 -9.07
N GLU A 161 4.81 0.80 -10.31
CA GLU A 161 5.37 0.10 -11.46
C GLU A 161 6.90 0.05 -11.38
N ILE A 162 7.52 1.17 -11.04
CA ILE A 162 8.97 1.22 -10.89
C ILE A 162 9.47 0.29 -9.79
N ARG A 163 8.77 0.24 -8.66
CA ARG A 163 9.16 -0.69 -7.59
C ARG A 163 9.03 -2.15 -8.07
N ARG A 164 7.91 -2.48 -8.73
CA ARG A 164 7.67 -3.84 -9.20
C ARG A 164 8.71 -4.30 -10.23
N THR A 165 9.06 -3.42 -11.16
CA THR A 165 10.10 -3.72 -12.14
C THR A 165 11.45 -3.98 -11.45
N PHE A 166 11.85 -3.05 -10.58
CA PHE A 166 13.16 -3.12 -9.93
C PHE A 166 13.28 -4.30 -8.97
N ALA A 167 12.23 -4.58 -8.21
CA ALA A 167 12.23 -5.73 -7.29
C ALA A 167 12.34 -7.05 -8.06
N ALA A 168 11.60 -7.12 -9.18
CA ALA A 168 11.67 -8.28 -10.08
C ALA A 168 13.09 -8.50 -10.59
N ASN A 169 13.71 -7.44 -11.08
CA ASN A 169 15.08 -7.51 -11.60
C ASN A 169 16.10 -7.95 -10.53
N LEU A 170 15.96 -7.44 -9.32
CA LEU A 170 16.87 -7.81 -8.23
C LEU A 170 16.76 -9.31 -7.94
N GLU A 171 15.52 -9.82 -7.89
CA GLU A 171 15.29 -11.24 -7.63
C GLU A 171 15.89 -12.12 -8.72
N LYS A 172 15.71 -11.74 -9.97
CA LYS A 172 16.28 -12.49 -11.09
C LYS A 172 17.80 -12.46 -11.04
N ALA A 173 18.38 -11.26 -11.02
CA ALA A 173 19.84 -11.10 -10.97
C ALA A 173 20.51 -11.98 -9.89
N ASN A 174 19.86 -12.08 -8.74
CA ASN A 174 20.41 -12.82 -7.60
C ASN A 174 20.63 -14.31 -7.90
N LEU A 175 19.84 -14.87 -8.83
CA LEU A 175 19.98 -16.29 -9.21
C LEU A 175 21.11 -16.54 -10.21
N LEU A 176 21.55 -15.51 -10.92
CA LEU A 176 22.65 -15.66 -11.88
C LEU A 176 24.00 -15.52 -11.18
N PRO A 177 25.06 -16.14 -11.74
CA PRO A 177 26.40 -16.05 -11.15
C PRO A 177 27.04 -14.68 -11.33
N LYS A 178 27.98 -14.33 -10.45
CA LYS A 178 28.53 -12.96 -10.38
C LYS A 178 29.07 -12.41 -11.69
N GLY A 179 29.57 -13.28 -12.56
CA GLY A 179 30.07 -12.86 -13.86
C GLY A 179 28.98 -12.36 -14.81
N ASP A 180 27.94 -13.18 -14.97
CA ASP A 180 26.97 -13.06 -16.07
C ASP A 180 26.69 -11.63 -16.50
N PRO A 181 26.80 -11.33 -17.81
CA PRO A 181 26.42 -10.00 -18.29
C PRO A 181 24.92 -9.69 -18.12
N GLU A 182 24.06 -10.71 -18.19
CA GLU A 182 22.63 -10.51 -17.93
C GLU A 182 22.39 -9.98 -16.53
N ARG A 183 23.10 -10.55 -15.56
CA ARG A 183 23.06 -10.05 -14.18
C ARG A 183 23.37 -8.56 -14.16
N ARG A 184 24.42 -8.15 -14.87
CA ARG A 184 24.83 -6.75 -14.95
C ARG A 184 23.76 -5.84 -15.59
N ARG A 185 23.08 -6.31 -16.62
CA ARG A 185 22.02 -5.53 -17.25
C ARG A 185 20.79 -5.41 -16.34
N LEU A 186 20.44 -6.50 -15.68
CA LEU A 186 19.28 -6.52 -14.79
C LEU A 186 19.46 -5.60 -13.59
N LEU A 187 20.71 -5.34 -13.20
CA LEU A 187 21.01 -4.43 -12.10
C LEU A 187 21.31 -3.00 -12.57
N SER A 188 21.01 -2.69 -13.84
CA SER A 188 21.30 -1.37 -14.41
C SER A 188 20.05 -0.47 -14.51
N ILE A 189 20.13 0.74 -13.96
CA ILE A 189 19.02 1.70 -14.01
C ILE A 189 19.39 2.96 -14.80
N VAL A 190 18.45 3.47 -15.59
CA VAL A 190 18.70 4.67 -16.40
C VAL A 190 17.61 5.73 -16.21
N VAL A 191 18.01 6.89 -15.71
CA VAL A 191 17.11 8.03 -15.52
C VAL A 191 17.40 9.06 -16.61
N VAL A 192 16.40 9.41 -17.39
CA VAL A 192 16.55 10.41 -18.46
C VAL A 192 16.01 11.76 -17.98
N GLY A 193 16.89 12.76 -17.91
CA GLY A 193 16.51 14.09 -17.43
C GLY A 193 17.44 14.66 -16.38
N GLY A 194 18.15 15.73 -16.75
CA GLY A 194 19.11 16.38 -15.85
C GLY A 194 18.53 17.38 -14.87
N GLY A 195 17.21 17.57 -14.92
CA GLY A 195 16.54 18.48 -14.00
C GLY A 195 16.32 17.86 -12.62
N PRO A 196 15.74 18.63 -11.70
CA PRO A 196 15.45 18.20 -10.33
C PRO A 196 14.77 16.82 -10.17
N THR A 197 13.71 16.55 -10.92
CA THR A 197 13.00 15.26 -10.82
C THR A 197 13.95 14.09 -11.09
N GLY A 198 14.75 14.22 -12.13
CA GLY A 198 15.66 13.17 -12.52
C GLY A 198 16.77 12.99 -11.51
N VAL A 199 17.33 14.11 -11.05
CA VAL A 199 18.42 14.06 -10.08
C VAL A 199 17.93 13.41 -8.79
N GLU A 200 16.79 13.86 -8.30
CA GLU A 200 16.18 13.29 -7.09
C GLU A 200 15.91 11.78 -7.23
N ALA A 201 15.43 11.37 -8.42
CA ALA A 201 15.13 9.97 -8.67
C ALA A 201 16.39 9.11 -8.62
N ALA A 202 17.49 9.60 -9.20
CA ALA A 202 18.78 8.90 -9.12
C ALA A 202 19.30 8.87 -7.69
N GLY A 203 19.13 9.98 -6.98
CA GLY A 203 19.59 10.06 -5.60
C GLY A 203 18.89 9.06 -4.68
N GLU A 204 17.56 8.97 -4.80
CA GLU A 204 16.78 8.07 -3.95
C GLU A 204 17.10 6.61 -4.24
N LEU A 205 17.20 6.27 -5.52
CA LEU A 205 17.56 4.90 -5.92
C LEU A 205 18.93 4.50 -5.40
N GLN A 206 19.87 5.45 -5.43
CA GLN A 206 21.22 5.22 -4.93
C GLN A 206 21.23 5.10 -3.41
N ASP A 207 20.39 5.90 -2.74
CA ASP A 207 20.24 5.80 -1.29
C ASP A 207 19.79 4.40 -0.92
N TYR A 208 18.80 3.88 -1.63
CA TYR A 208 18.27 2.55 -1.34
C TYR A 208 19.34 1.49 -1.47
N VAL A 209 20.17 1.59 -2.51
CA VAL A 209 21.21 0.62 -2.76
C VAL A 209 22.26 0.63 -1.65
N HIS A 210 22.88 1.79 -1.42
CA HIS A 210 23.95 1.90 -0.43
C HIS A 210 23.53 1.57 0.97
N GLN A 211 22.31 1.96 1.35
CA GLN A 211 21.86 1.87 2.75
C GLN A 211 21.13 0.58 3.08
N ASP A 212 20.19 0.18 2.24
CA ASP A 212 19.30 -0.95 2.54
C ASP A 212 19.77 -2.24 1.88
N LEU A 213 19.99 -2.21 0.58
CA LEU A 213 20.33 -3.40 -0.17
C LEU A 213 21.67 -4.02 0.25
N ARG A 214 22.64 -3.16 0.56
CA ARG A 214 23.99 -3.60 0.94
C ARG A 214 24.03 -4.40 2.24
N LYS A 215 23.07 -4.15 3.13
CA LYS A 215 23.05 -4.78 4.44
C LYS A 215 22.65 -6.25 4.43
N PHE A 216 21.88 -6.67 3.42
CA PHE A 216 21.49 -8.09 3.31
C PHE A 216 21.88 -8.79 2.00
N LEU A 217 22.27 -8.02 0.99
CA LEU A 217 22.81 -8.59 -0.25
C LEU A 217 23.90 -7.67 -0.82
N PRO A 218 25.03 -7.56 -0.10
CA PRO A 218 26.11 -6.67 -0.54
C PRO A 218 26.64 -7.02 -1.93
N ALA A 219 26.68 -8.31 -2.25
CA ALA A 219 27.12 -8.79 -3.57
C ALA A 219 26.33 -8.12 -4.70
N LEU A 220 25.00 -8.16 -4.59
CA LEU A 220 24.15 -7.54 -5.59
C LEU A 220 24.31 -6.03 -5.61
N ALA A 221 24.47 -5.44 -4.42
CA ALA A 221 24.55 -3.99 -4.25
C ALA A 221 25.75 -3.38 -4.95
N GLU A 222 26.88 -4.10 -4.94
CA GLU A 222 28.11 -3.60 -5.56
C GLU A 222 28.01 -3.52 -7.09
N GLU A 223 27.23 -4.43 -7.70
CA GLU A 223 27.12 -4.50 -9.16
C GLU A 223 26.00 -3.67 -9.76
N VAL A 224 25.19 -3.00 -8.93
CA VAL A 224 24.14 -2.11 -9.45
C VAL A 224 24.78 -0.85 -10.03
N GLN A 225 24.21 -0.33 -11.12
CA GLN A 225 24.76 0.84 -11.82
C GLN A 225 23.63 1.77 -12.26
N ILE A 226 23.77 3.06 -11.92
CA ILE A 226 22.73 4.06 -12.18
C ILE A 226 23.24 5.18 -13.11
N HIS A 227 22.54 5.38 -14.22
CA HIS A 227 22.93 6.36 -15.23
C HIS A 227 21.99 7.52 -15.25
N LEU A 228 22.54 8.72 -15.44
CA LEU A 228 21.72 9.93 -15.62
C LEU A 228 22.08 10.60 -16.95
N VAL A 229 21.13 10.68 -17.87
CA VAL A 229 21.38 11.24 -19.21
C VAL A 229 20.67 12.58 -19.37
N GLU A 230 21.38 13.57 -19.93
CA GLU A 230 20.85 14.91 -20.13
C GLU A 230 21.47 15.57 -21.38
N ALA A 231 20.60 16.14 -22.22
CA ALA A 231 21.00 16.70 -23.51
C ALA A 231 21.81 17.99 -23.36
N LEU A 232 21.43 18.83 -22.39
CA LEU A 232 22.16 20.08 -22.14
C LEU A 232 23.50 19.77 -21.49
N PRO A 233 24.47 20.71 -21.58
CA PRO A 233 25.81 20.46 -21.07
C PRO A 233 25.93 20.61 -19.56
N ILE A 234 24.87 21.07 -18.90
CA ILE A 234 24.90 21.28 -17.47
C ILE A 234 23.65 20.68 -16.81
N VAL A 235 23.86 19.96 -15.72
CA VAL A 235 22.76 19.43 -14.91
C VAL A 235 22.18 20.58 -14.08
N LEU A 236 20.88 20.55 -13.85
CA LEU A 236 20.18 21.55 -13.03
C LEU A 236 20.52 23.00 -13.46
N ASN A 237 20.28 23.30 -14.74
CA ASN A 237 20.66 24.60 -15.33
C ASN A 237 19.96 25.83 -14.74
N MET A 238 18.88 25.62 -14.00
CA MET A 238 18.11 26.70 -13.38
C MET A 238 18.77 27.31 -12.14
N PHE A 239 19.91 26.76 -11.72
CA PHE A 239 20.70 27.30 -10.61
C PHE A 239 21.92 28.05 -11.15
N GLU A 240 22.64 28.78 -10.30
CA GLU A 240 23.90 29.38 -10.70
C GLU A 240 24.92 28.28 -10.97
N LYS A 241 25.83 28.52 -11.91
CA LYS A 241 26.83 27.54 -12.33
C LYS A 241 27.53 26.87 -11.14
N LYS A 242 27.87 27.67 -10.14
CA LYS A 242 28.60 27.20 -8.95
C LYS A 242 27.88 26.06 -8.21
N LEU A 243 26.56 26.16 -8.10
CA LEU A 243 25.75 25.13 -7.46
C LEU A 243 25.55 23.92 -8.36
N SER A 244 25.48 24.12 -9.66
CA SER A 244 25.35 23.01 -10.61
C SER A 244 26.59 22.13 -10.59
N SER A 245 27.76 22.76 -10.45
CA SER A 245 29.03 22.04 -10.44
C SER A 245 29.14 21.14 -9.23
N TYR A 246 28.97 21.72 -8.05
CA TYR A 246 28.88 20.94 -6.82
C TYR A 246 27.89 19.76 -6.98
N ALA A 247 26.74 20.03 -7.59
CA ALA A 247 25.72 19.00 -7.81
C ALA A 247 26.27 17.84 -8.62
N GLN A 248 26.97 18.16 -9.69
CA GLN A 248 27.48 17.14 -10.60
C GLN A 248 28.60 16.30 -9.97
N SER A 249 29.51 16.97 -9.26
CA SER A 249 30.58 16.32 -8.52
C SER A 249 30.05 15.30 -7.54
N HIS A 250 29.05 15.73 -6.76
CA HIS A 250 28.49 14.88 -5.72
C HIS A 250 27.85 13.64 -6.27
N LEU A 251 27.05 13.80 -7.32
CA LEU A 251 26.42 12.69 -8.00
C LEU A 251 27.43 11.63 -8.44
N GLU A 252 28.55 12.09 -9.00
CA GLU A 252 29.61 11.20 -9.45
C GLU A 252 30.37 10.56 -8.29
N ASN A 253 30.56 11.30 -7.19
CA ASN A 253 31.14 10.72 -5.96
C ASN A 253 30.30 9.61 -5.35
N THR A 254 28.97 9.73 -5.43
CA THR A 254 28.06 8.70 -4.96
C THR A 254 27.90 7.58 -6.00
N SER A 255 28.79 7.58 -6.99
CA SER A 255 28.96 6.51 -7.97
C SER A 255 27.84 6.42 -9.02
N ILE A 256 27.28 7.57 -9.37
CA ILE A 256 26.30 7.66 -10.46
C ILE A 256 26.99 8.13 -11.73
N LYS A 257 26.73 7.45 -12.84
CA LYS A 257 27.33 7.78 -14.13
C LYS A 257 26.49 8.83 -14.88
N VAL A 258 26.97 10.07 -14.90
CA VAL A 258 26.27 11.18 -15.52
C VAL A 258 26.68 11.31 -16.98
N HIS A 259 25.70 11.41 -17.89
CA HIS A 259 25.95 11.54 -19.32
C HIS A 259 25.44 12.86 -19.80
N LEU A 260 26.32 13.85 -19.88
CA LEU A 260 25.94 15.19 -20.34
C LEU A 260 26.12 15.32 -21.86
N ARG A 261 25.50 16.35 -22.42
CA ARG A 261 25.54 16.60 -23.87
C ARG A 261 25.04 15.39 -24.67
N THR A 262 24.05 14.69 -24.14
CA THR A 262 23.61 13.42 -24.68
C THR A 262 22.10 13.35 -24.94
N ALA A 263 21.72 13.08 -26.19
CA ALA A 263 20.33 12.87 -26.57
C ALA A 263 20.07 11.38 -26.78
N VAL A 264 18.85 10.93 -26.46
CA VAL A 264 18.45 9.56 -26.74
C VAL A 264 17.79 9.49 -28.12
N ALA A 265 18.26 8.57 -28.96
CA ALA A 265 17.78 8.46 -30.34
C ALA A 265 16.65 7.42 -30.45
N LYS A 266 16.81 6.30 -29.76
CA LYS A 266 15.85 5.22 -29.79
C LYS A 266 15.91 4.43 -28.48
N VAL A 267 14.81 3.83 -28.09
CA VAL A 267 14.75 2.98 -26.89
C VAL A 267 14.27 1.56 -27.23
N GLU A 268 15.10 0.56 -26.90
CA GLU A 268 14.77 -0.84 -27.16
C GLU A 268 14.44 -1.59 -25.86
N GLU A 269 14.07 -2.87 -25.98
CA GLU A 269 13.62 -3.65 -24.82
CA GLU A 269 13.62 -3.64 -24.81
C GLU A 269 14.71 -3.79 -23.75
N LYS A 270 15.96 -3.96 -24.17
CA LYS A 270 17.06 -4.20 -23.22
C LYS A 270 18.19 -3.14 -23.23
N GLN A 271 18.01 -2.05 -23.97
CA GLN A 271 19.05 -1.03 -24.12
C GLN A 271 18.50 0.23 -24.77
N LEU A 272 19.27 1.31 -24.71
CA LEU A 272 18.94 2.49 -25.48
C LEU A 272 20.12 3.00 -26.30
N LEU A 273 19.79 3.62 -27.42
CA LEU A 273 20.78 4.22 -28.29
C LEU A 273 20.87 5.72 -27.98
N ALA A 274 22.09 6.19 -27.74
CA ALA A 274 22.31 7.60 -27.44
C ALA A 274 23.35 8.21 -28.38
N LYS A 275 23.23 9.51 -28.65
CA LYS A 275 24.25 10.27 -29.36
C LYS A 275 24.84 11.30 -28.40
N THR A 276 26.15 11.24 -28.17
CA THR A 276 26.83 12.20 -27.30
C THR A 276 27.66 13.20 -28.12
N LYS A 277 27.58 14.47 -27.73
CA LYS A 277 28.16 15.58 -28.50
C LYS A 277 29.33 16.20 -27.75
N HIS A 278 30.56 15.85 -28.16
CA HIS A 278 31.75 16.14 -27.36
C HIS A 278 32.27 17.55 -27.52
N GLU A 279 33.26 17.90 -26.68
CA GLU A 279 33.83 19.25 -26.63
C GLU A 279 34.43 19.69 -27.97
N ASP A 280 35.11 18.78 -28.64
CA ASP A 280 35.69 19.05 -29.95
C ASP A 280 34.66 19.01 -31.09
N GLY A 281 33.37 18.99 -30.74
CA GLY A 281 32.29 19.09 -31.71
C GLY A 281 31.96 17.80 -32.47
N LYS A 282 32.57 16.69 -32.06
CA LYS A 282 32.34 15.39 -32.72
C LYS A 282 31.21 14.65 -32.00
N ILE A 283 30.42 13.90 -32.76
CA ILE A 283 29.32 13.11 -32.21
C ILE A 283 29.67 11.63 -32.20
N THR A 284 29.36 10.94 -31.10
CA THR A 284 29.58 9.50 -30.99
C THR A 284 28.28 8.77 -30.66
N GLU A 285 28.27 7.46 -30.88
CA GLU A 285 27.16 6.59 -30.53
C GLU A 285 27.60 5.69 -29.38
N GLU A 286 26.68 5.41 -28.47
CA GLU A 286 26.92 4.42 -27.42
C GLU A 286 25.62 3.71 -27.08
N THR A 287 25.72 2.43 -26.78
CA THR A 287 24.62 1.66 -26.21
C THR A 287 24.69 1.73 -24.71
N ILE A 288 23.54 1.90 -24.07
CA ILE A 288 23.44 1.83 -22.60
C ILE A 288 22.46 0.73 -22.23
N PRO A 289 22.97 -0.44 -21.80
CA PRO A 289 22.11 -1.52 -21.32
C PRO A 289 21.31 -1.06 -20.14
N TYR A 290 20.14 -1.66 -19.93
CA TYR A 290 19.31 -1.32 -18.78
C TYR A 290 18.26 -2.41 -18.49
N GLY A 291 17.82 -2.45 -17.23
CA GLY A 291 16.67 -3.25 -16.82
C GLY A 291 15.47 -2.40 -16.42
N THR A 292 15.72 -1.15 -16.01
CA THR A 292 14.66 -0.23 -15.57
C THR A 292 14.94 1.17 -16.08
N LEU A 293 14.03 1.70 -16.90
CA LEU A 293 14.17 3.02 -17.51
C LEU A 293 13.13 4.02 -16.95
N ILE A 294 13.60 5.01 -16.22
CA ILE A 294 12.75 6.09 -15.72
C ILE A 294 12.87 7.30 -16.64
N TRP A 295 11.75 7.73 -17.23
CA TRP A 295 11.71 8.87 -18.14
C TRP A 295 11.18 10.09 -17.43
N ALA A 296 12.08 11.03 -17.14
CA ALA A 296 11.74 12.23 -16.36
C ALA A 296 12.13 13.51 -17.10
N THR A 297 11.68 13.65 -18.34
CA THR A 297 11.91 14.85 -19.15
C THR A 297 10.61 15.66 -19.26
N GLY A 298 10.58 16.62 -20.18
CA GLY A 298 9.56 17.66 -20.16
C GLY A 298 8.12 17.31 -20.52
N ASN A 299 7.36 18.36 -20.83
CA ASN A 299 5.90 18.32 -20.91
C ASN A 299 5.32 18.56 -22.29
N LYS A 300 4.04 18.29 -22.41
CA LYS A 300 3.33 18.36 -23.67
C LYS A 300 1.84 18.57 -23.37
N ALA A 301 1.19 19.42 -24.15
CA ALA A 301 -0.23 19.75 -23.95
C ALA A 301 -1.12 18.51 -24.06
N ARG A 302 -2.19 18.48 -23.26
CA ARG A 302 -3.12 17.35 -23.26
C ARG A 302 -4.13 17.48 -24.38
N PRO A 303 -4.69 16.34 -24.83
CA PRO A 303 -5.67 16.31 -25.91
C PRO A 303 -6.85 17.28 -25.75
N VAL A 304 -7.23 17.56 -24.50
CA VAL A 304 -8.36 18.44 -24.21
C VAL A 304 -8.00 19.88 -24.55
N ILE A 305 -6.76 20.27 -24.24
CA ILE A 305 -6.28 21.62 -24.54
C ILE A 305 -6.04 21.78 -26.04
N THR A 306 -5.46 20.76 -26.67
CA THR A 306 -5.25 20.74 -28.12
C THR A 306 -6.58 20.91 -28.87
N ASP A 307 -7.60 20.17 -28.43
CA ASP A 307 -8.93 20.22 -29.02
C ASP A 307 -9.59 21.60 -28.85
N LEU A 308 -9.17 22.35 -27.82
CA LEU A 308 -9.66 23.71 -27.59
C LEU A 308 -8.99 24.74 -28.51
N PHE A 309 -7.79 24.44 -29.02
CA PHE A 309 -7.10 25.34 -29.95
C PHE A 309 -7.86 25.53 -31.28
N LYS A 310 -8.55 24.48 -31.71
CA LYS A 310 -9.25 24.47 -33.00
C LYS A 310 -10.52 25.32 -32.94
N LYS A 311 -11.13 25.39 -31.77
CA LYS A 311 -12.45 25.99 -31.60
C LYS A 311 -12.41 27.51 -31.44
N ILE A 312 -11.45 28.02 -30.68
CA ILE A 312 -11.29 29.47 -30.51
C ILE A 312 -10.35 30.02 -31.59
N PRO A 313 -10.85 30.96 -32.41
CA PRO A 313 -10.11 31.52 -33.55
C PRO A 313 -8.67 31.97 -33.25
N GLU A 314 -8.49 32.75 -32.19
CA GLU A 314 -7.17 33.30 -31.86
C GLU A 314 -6.32 32.33 -31.03
N GLN A 315 -6.88 31.20 -30.64
CA GLN A 315 -6.11 30.14 -29.95
C GLN A 315 -5.50 29.13 -30.94
N ASN A 316 -5.57 29.44 -32.24
CA ASN A 316 -4.97 28.58 -33.26
C ASN A 316 -3.47 28.43 -33.05
N SER A 317 -2.73 29.53 -33.18
CA SER A 317 -1.28 29.51 -32.98
C SER A 317 -0.92 29.36 -31.49
N SER A 318 -1.05 28.15 -30.99
CA SER A 318 -0.73 27.81 -29.61
C SER A 318 -0.36 26.33 -29.52
N LYS A 319 0.74 26.01 -28.84
CA LYS A 319 1.23 24.64 -28.77
C LYS A 319 1.53 24.21 -27.33
N ARG A 320 2.47 24.91 -26.68
CA ARG A 320 2.88 24.55 -25.31
C ARG A 320 1.69 24.54 -24.36
N GLY A 321 0.89 25.60 -24.42
CA GLY A 321 -0.32 25.71 -23.60
C GLY A 321 -1.26 26.77 -24.16
N LEU A 322 -2.25 27.14 -23.36
CA LEU A 322 -3.22 28.17 -23.79
C LEU A 322 -2.60 29.57 -23.68
N ALA A 323 -2.82 30.40 -24.70
CA ALA A 323 -2.37 31.79 -24.69
C ALA A 323 -3.26 32.60 -23.73
N VAL A 324 -2.63 33.35 -22.84
CA VAL A 324 -3.33 33.94 -21.68
C VAL A 324 -2.94 35.40 -21.43
N ASN A 325 -3.86 36.17 -20.83
CA ASN A 325 -3.67 37.61 -20.56
C ASN A 325 -2.62 37.91 -19.48
N ASP A 326 -2.50 39.18 -19.12
CA ASP A 326 -1.82 39.58 -17.89
C ASP A 326 -2.73 39.35 -16.68
N PHE A 327 -4.02 39.12 -16.93
CA PHE A 327 -4.98 38.78 -15.88
C PHE A 327 -5.35 37.28 -15.86
N LEU A 328 -4.59 36.47 -16.59
CA LEU A 328 -4.79 35.01 -16.66
C LEU A 328 -6.13 34.57 -17.26
N GLN A 329 -6.72 35.43 -18.10
CA GLN A 329 -7.90 35.07 -18.89
C GLN A 329 -7.45 34.50 -20.24
N VAL A 330 -8.15 33.46 -20.70
CA VAL A 330 -7.82 32.83 -21.97
C VAL A 330 -8.15 33.76 -23.13
N LYS A 331 -7.16 34.02 -23.98
CA LYS A 331 -7.31 34.97 -25.09
C LYS A 331 -8.36 34.48 -26.09
N GLY A 332 -9.39 35.29 -26.32
CA GLY A 332 -10.49 34.95 -27.24
C GLY A 332 -11.75 34.44 -26.57
N SER A 333 -11.65 34.07 -25.30
CA SER A 333 -12.79 33.55 -24.57
C SER A 333 -13.39 34.62 -23.68
N ASN A 334 -14.68 34.46 -23.41
CA ASN A 334 -15.43 35.39 -22.59
C ASN A 334 -15.28 35.09 -21.09
N ASN A 335 -15.13 33.82 -20.74
CA ASN A 335 -15.19 33.40 -19.34
C ASN A 335 -14.28 32.21 -18.95
N ILE A 336 -13.36 31.83 -19.85
CA ILE A 336 -12.45 30.73 -19.56
C ILE A 336 -11.12 31.27 -19.04
N PHE A 337 -10.63 30.65 -17.97
CA PHE A 337 -9.36 31.03 -17.36
C PHE A 337 -8.45 29.80 -17.31
N ALA A 338 -7.15 30.04 -17.32
CA ALA A 338 -6.16 28.97 -17.32
C ALA A 338 -5.02 29.27 -16.35
N ILE A 339 -4.69 28.29 -15.51
CA ILE A 339 -3.56 28.38 -14.59
C ILE A 339 -2.74 27.09 -14.62
N GLY A 340 -1.46 27.19 -14.30
CA GLY A 340 -0.58 26.03 -14.20
C GLY A 340 0.09 25.66 -15.50
N ASP A 341 0.49 24.39 -15.60
CA ASP A 341 1.21 23.88 -16.77
C ASP A 341 0.39 23.89 -18.07
N ASN A 342 -0.93 23.85 -17.96
CA ASN A 342 -1.79 23.87 -19.15
C ASN A 342 -2.07 25.30 -19.68
N ALA A 343 -1.33 26.29 -19.19
CA ALA A 343 -1.52 27.68 -19.60
C ALA A 343 -0.17 28.35 -19.84
N PHE A 344 0.00 28.90 -21.04
CA PHE A 344 1.24 29.58 -21.42
C PHE A 344 1.18 31.06 -21.06
N ALA A 345 2.11 31.52 -20.22
CA ALA A 345 2.24 32.94 -19.90
C ALA A 345 3.72 33.33 -19.78
N GLY A 346 4.56 32.70 -20.59
CA GLY A 346 6.01 32.92 -20.54
C GLY A 346 6.63 32.63 -19.19
N LEU A 347 6.03 31.72 -18.43
CA LEU A 347 6.53 31.37 -17.11
C LEU A 347 6.91 29.90 -17.10
N PRO A 348 7.78 29.48 -16.17
CA PRO A 348 8.14 28.06 -16.10
C PRO A 348 6.95 27.18 -15.77
N PRO A 349 7.07 25.86 -16.05
CA PRO A 349 6.07 24.89 -15.64
C PRO A 349 6.41 24.27 -14.28
N THR A 350 6.16 25.03 -13.21
CA THR A 350 6.56 24.61 -11.87
C THR A 350 5.40 24.79 -10.88
N ALA A 351 5.49 24.10 -9.75
CA ALA A 351 4.45 24.16 -8.72
C ALA A 351 4.34 25.56 -8.12
N GLN A 352 5.47 26.26 -8.02
CA GLN A 352 5.47 27.60 -7.46
C GLN A 352 4.63 28.55 -8.33
N VAL A 353 4.72 28.41 -9.65
CA VAL A 353 3.94 29.24 -10.58
C VAL A 353 2.44 28.93 -10.51
N ALA A 354 2.10 27.66 -10.34
CA ALA A 354 0.70 27.24 -10.27
C ALA A 354 0.01 27.79 -9.03
N HIS A 355 0.71 27.73 -7.90
CA HIS A 355 0.16 28.17 -6.62
C HIS A 355 -0.10 29.66 -6.58
N GLN A 356 0.86 30.45 -7.06
CA GLN A 356 0.74 31.90 -7.06
C GLN A 356 -0.33 32.39 -8.05
N GLU A 357 -0.38 31.80 -9.24
CA GLU A 357 -1.45 32.10 -10.20
C GLU A 357 -2.81 31.75 -9.61
N ALA A 358 -2.92 30.58 -8.97
CA ALA A 358 -4.15 30.15 -8.32
C ALA A 358 -4.63 31.18 -7.30
N GLU A 359 -3.75 31.62 -6.40
CA GLU A 359 -4.10 32.62 -5.39
C GLU A 359 -4.55 33.93 -6.01
N TYR A 360 -3.71 34.47 -6.88
CA TYR A 360 -4.05 35.71 -7.61
C TYR A 360 -5.47 35.63 -8.18
N LEU A 361 -5.72 34.61 -8.98
CA LEU A 361 -7.03 34.43 -9.65
C LEU A 361 -8.15 34.31 -8.62
N ALA A 362 -7.95 33.47 -7.60
CA ALA A 362 -8.92 33.31 -6.52
C ALA A 362 -9.21 34.65 -5.84
N LYS A 363 -8.14 35.37 -5.49
CA LYS A 363 -8.27 36.70 -4.90
C LYS A 363 -9.14 37.60 -5.76
N ASN A 364 -8.86 37.64 -7.07
CA ASN A 364 -9.64 38.46 -8.01
C ASN A 364 -11.12 38.08 -8.04
N PHE A 365 -11.41 36.79 -8.19
CA PHE A 365 -12.80 36.32 -8.17
C PHE A 365 -13.58 36.80 -6.94
N ASP A 366 -12.96 36.73 -5.77
CA ASP A 366 -13.58 37.19 -4.51
C ASP A 366 -13.80 38.70 -4.51
N LYS A 367 -13.00 39.40 -5.29
CA LYS A 367 -13.15 40.85 -5.49
C LYS A 367 -14.22 41.13 -6.54
N MET A 368 -14.19 40.37 -7.64
CA MET A 368 -15.18 40.46 -8.72
C MET A 368 -16.61 40.20 -8.25
N ALA A 369 -16.78 39.48 -7.14
CA ALA A 369 -18.10 39.10 -6.63
C ALA A 369 -18.68 40.11 -5.63
N GLN A 370 -18.45 41.39 -5.89
CA GLN A 370 -18.98 42.48 -5.06
C GLN A 370 -19.39 43.66 -5.97
N ILE A 371 -20.06 43.34 -7.08
CA ILE A 371 -20.40 44.31 -8.12
C ILE A 371 -21.76 43.95 -8.77
N PRO A 372 -22.53 44.96 -9.23
CA PRO A 372 -23.78 44.65 -9.95
C PRO A 372 -23.59 44.01 -11.34
N ASN A 373 -22.53 44.39 -12.04
CA ASN A 373 -22.30 43.91 -13.42
C ASN A 373 -21.92 42.43 -13.51
N PHE A 374 -21.17 41.94 -12.52
CA PHE A 374 -20.81 40.52 -12.46
C PHE A 374 -21.98 39.63 -12.05
N GLN A 375 -22.97 40.20 -11.38
CA GLN A 375 -24.16 39.48 -10.94
C GLN A 375 -24.97 38.95 -12.13
N LYS A 384 -18.94 41.30 -22.33
CA LYS A 384 -19.63 41.89 -21.19
C LYS A 384 -18.78 41.77 -19.93
N ILE A 385 -18.15 40.61 -19.74
CA ILE A 385 -17.34 40.31 -18.55
C ILE A 385 -15.90 40.81 -18.68
N ASP A 386 -15.38 40.87 -19.91
CA ASP A 386 -13.98 41.23 -20.17
C ASP A 386 -13.65 42.69 -19.81
N LEU A 387 -14.52 43.62 -20.19
CA LEU A 387 -14.29 45.05 -19.94
C LEU A 387 -14.42 45.44 -18.46
N LEU A 388 -15.16 44.66 -17.69
CA LEU A 388 -15.40 44.95 -16.27
C LEU A 388 -14.14 44.79 -15.40
N PHE A 389 -13.21 43.93 -15.83
CA PHE A 389 -11.92 43.74 -15.13
C PHE A 389 -11.13 45.04 -15.00
N GLU A 390 -11.25 45.91 -16.01
CA GLU A 390 -10.46 47.14 -16.08
C GLU A 390 -11.16 48.33 -15.41
N GLU A 391 -12.44 48.52 -15.73
CA GLU A 391 -13.21 49.69 -15.27
C GLU A 391 -13.15 49.91 -13.75
N ASN A 392 -13.23 48.82 -12.98
CA ASN A 392 -13.25 48.90 -11.52
C ASN A 392 -11.86 49.14 -10.90
N ASN A 393 -10.80 48.92 -11.69
CA ASN A 393 -9.41 49.20 -11.30
C ASN A 393 -8.81 48.19 -10.29
N PHE A 394 -8.04 47.25 -10.81
CA PHE A 394 -7.18 46.39 -9.98
C PHE A 394 -6.06 45.75 -10.82
N LYS A 395 -5.04 45.23 -10.12
CA LYS A 395 -3.74 44.94 -10.72
C LYS A 395 -3.67 43.61 -11.48
N PRO A 396 -2.69 43.50 -12.41
CA PRO A 396 -2.40 42.24 -13.09
C PRO A 396 -1.53 41.31 -12.23
N PHE A 397 -1.26 40.10 -12.73
CA PHE A 397 -0.46 39.11 -12.00
C PHE A 397 1.04 39.35 -12.15
N LYS A 398 1.76 39.39 -11.03
CA LYS A 398 3.20 39.58 -11.00
C LYS A 398 3.86 38.42 -10.26
N TYR A 399 4.43 37.48 -11.01
CA TYR A 399 5.10 36.31 -10.42
C TYR A 399 6.30 36.75 -9.57
N ASN A 400 6.48 36.10 -8.44
CA ASN A 400 7.57 36.40 -7.53
C ASN A 400 8.40 35.15 -7.30
N ASP A 401 9.51 35.03 -8.03
CA ASP A 401 10.33 33.83 -7.99
C ASP A 401 11.01 33.65 -6.63
N LEU A 402 10.63 32.60 -5.92
CA LEU A 402 11.12 32.36 -4.58
C LEU A 402 12.45 31.58 -4.57
N GLY A 403 12.77 30.90 -5.68
CA GLY A 403 14.04 30.20 -5.84
C GLY A 403 13.87 28.75 -6.24
N ALA A 404 14.84 27.92 -5.87
CA ALA A 404 14.84 26.50 -6.25
C ALA A 404 15.44 25.61 -5.16
N LEU A 405 15.02 24.34 -5.14
CA LEU A 405 15.56 23.33 -4.20
C LEU A 405 15.79 22.01 -4.91
N ALA A 406 16.68 21.18 -4.39
CA ALA A 406 16.98 19.87 -5.02
C ALA A 406 17.77 18.92 -4.11
N TYR A 407 17.18 17.78 -3.76
CA TYR A 407 17.89 16.74 -3.02
C TYR A 407 18.79 15.99 -3.98
N LEU A 408 20.00 15.67 -3.53
CA LEU A 408 21.02 15.05 -4.40
C LEU A 408 21.49 13.69 -3.91
N GLY A 409 20.72 13.05 -3.02
CA GLY A 409 21.12 11.77 -2.43
C GLY A 409 22.18 11.91 -1.35
N SER A 410 22.25 10.90 -0.48
CA SER A 410 23.28 10.82 0.57
C SER A 410 23.32 12.05 1.47
N GLU A 411 22.15 12.53 1.87
CA GLU A 411 22.02 13.60 2.84
C GLU A 411 22.67 14.94 2.40
N ARG A 412 22.56 15.26 1.11
CA ARG A 412 23.03 16.54 0.58
C ARG A 412 22.00 17.14 -0.37
N ALA A 413 21.84 18.46 -0.32
CA ALA A 413 20.91 19.18 -1.20
C ALA A 413 21.44 20.57 -1.57
N ILE A 414 20.89 21.16 -2.63
CA ILE A 414 21.22 22.55 -2.99
C ILE A 414 19.97 23.43 -2.90
N ALA A 415 20.15 24.66 -2.43
CA ALA A 415 19.05 25.59 -2.27
C ALA A 415 19.41 27.00 -2.73
N THR A 416 18.49 27.64 -3.46
CA THR A 416 18.53 29.08 -3.69
C THR A 416 17.18 29.65 -3.28
N ILE A 417 17.21 30.58 -2.34
CA ILE A 417 16.00 31.16 -1.77
C ILE A 417 16.06 32.68 -1.95
N ARG A 418 14.94 33.26 -2.38
CA ARG A 418 14.88 34.70 -2.64
C ARG A 418 13.45 35.23 -2.75
N SER A 419 13.34 36.55 -2.81
CA SER A 419 12.07 37.21 -3.03
C SER A 419 12.31 38.44 -3.89
N GLY A 420 11.97 38.31 -5.18
CA GLY A 420 12.13 39.40 -6.13
C GLY A 420 13.59 39.74 -6.34
N LYS A 421 14.04 40.81 -5.71
CA LYS A 421 15.41 41.28 -5.87
C LYS A 421 16.37 40.51 -4.97
N ARG A 422 16.21 40.66 -3.66
CA ARG A 422 17.18 40.14 -2.69
C ARG A 422 17.24 38.61 -2.71
N THR A 423 18.41 38.08 -2.37
CA THR A 423 18.65 36.66 -2.27
C THR A 423 19.30 36.34 -0.93
N PHE A 424 18.78 35.33 -0.26
CA PHE A 424 19.32 34.89 1.03
C PHE A 424 19.05 33.41 1.22
N TYR A 425 20.09 32.62 1.46
CA TYR A 425 19.95 31.17 1.57
C TYR A 425 21.16 30.48 2.20
N THR A 426 21.01 29.16 2.42
CA THR A 426 22.14 28.29 2.74
C THR A 426 22.07 27.10 1.78
N GLY A 427 22.97 27.08 0.78
CA GLY A 427 22.86 26.15 -0.37
C GLY A 427 24.04 25.23 -0.64
N GLY A 428 24.73 24.82 0.42
CA GLY A 428 25.89 23.94 0.32
C GLY A 428 25.50 22.48 0.21
N GLY A 429 25.51 21.77 1.34
CA GLY A 429 25.30 20.33 1.36
C GLY A 429 24.44 19.84 2.52
N LEU A 430 25.09 19.36 3.59
CA LEU A 430 24.38 18.72 4.71
C LEU A 430 23.40 19.66 5.43
N MET A 431 23.81 20.89 5.68
CA MET A 431 22.95 21.85 6.37
C MET A 431 21.78 22.22 5.46
N THR A 432 22.06 22.37 4.17
CA THR A 432 21.02 22.60 3.17
C THR A 432 20.07 21.40 3.06
N PHE A 433 20.59 20.20 3.31
CA PHE A 433 19.74 19.01 3.39
C PHE A 433 18.70 19.14 4.52
N TYR A 434 19.11 19.69 5.66
CA TYR A 434 18.18 19.89 6.77
C TYR A 434 17.17 20.99 6.46
N LEU A 435 17.63 22.10 5.91
CA LEU A 435 16.73 23.18 5.46
C LEU A 435 15.71 22.62 4.48
N TRP A 436 16.20 21.81 3.54
CA TRP A 436 15.37 21.17 2.50
C TRP A 436 14.21 20.42 3.08
N ARG A 437 14.47 19.62 4.13
CA ARG A 437 13.41 18.87 4.81
C ARG A 437 12.38 19.80 5.45
N ILE A 438 12.84 20.80 6.19
CA ILE A 438 11.95 21.73 6.90
C ILE A 438 11.02 22.47 5.93
N LEU A 439 11.59 23.01 4.86
CA LEU A 439 10.79 23.75 3.88
C LEU A 439 9.72 22.88 3.23
N TYR A 440 10.12 21.67 2.83
CA TYR A 440 9.19 20.73 2.21
C TYR A 440 8.05 20.39 3.16
N LEU A 441 8.38 20.04 4.41
CA LEU A 441 7.36 19.87 5.45
C LEU A 441 6.44 21.09 5.55
N SER A 442 7.03 22.28 5.47
CA SER A 442 6.27 23.52 5.61
C SER A 442 5.30 23.77 4.44
N MET A 443 5.65 23.35 3.22
CA MET A 443 4.76 23.63 2.07
C MET A 443 3.89 22.44 1.59
N ILE A 444 3.82 21.38 2.39
CA ILE A 444 2.77 20.37 2.27
C ILE A 444 1.41 20.98 2.65
N LEU A 445 0.38 20.73 1.86
CA LEU A 445 -0.89 21.45 1.99
C LEU A 445 -1.82 20.98 3.11
N SER A 446 -1.51 19.86 3.76
CA SER A 446 -2.42 19.29 4.78
C SER A 446 -1.68 18.70 5.98
N ALA A 447 -2.30 18.79 7.16
CA ALA A 447 -1.69 18.32 8.39
C ALA A 447 -1.50 16.79 8.41
N ARG A 448 -2.45 16.05 7.85
CA ARG A 448 -2.36 14.59 7.84
C ARG A 448 -1.11 14.18 7.10
N SER A 449 -0.97 14.67 5.88
CA SER A 449 0.16 14.33 5.03
C SER A 449 1.48 14.75 5.69
N ARG A 450 1.43 15.83 6.46
CA ARG A 450 2.61 16.36 7.12
C ARG A 450 3.09 15.47 8.27
N LEU A 451 2.14 14.98 9.07
CA LEU A 451 2.47 14.02 10.13
C LEU A 451 2.99 12.70 9.53
N LYS A 452 2.29 12.22 8.49
CA LYS A 452 2.64 10.96 7.82
C LYS A 452 4.10 10.92 7.34
N VAL A 453 4.53 11.98 6.65
CA VAL A 453 5.92 12.06 6.15
C VAL A 453 6.89 12.24 7.31
N PHE A 454 6.49 12.98 8.34
CA PHE A 454 7.33 13.17 9.52
C PHE A 454 7.59 11.80 10.14
N PHE A 455 6.53 11.01 10.32
CA PHE A 455 6.66 9.66 10.88
C PHE A 455 7.51 8.75 10.00
N ASP A 456 7.30 8.82 8.68
CA ASP A 456 8.09 8.06 7.72
C ASP A 456 9.58 8.28 7.96
N TRP A 457 9.95 9.55 8.11
CA TRP A 457 11.34 9.96 8.36
C TRP A 457 11.88 9.53 9.69
N ILE A 458 11.08 9.65 10.76
CA ILE A 458 11.51 9.14 12.05
C ILE A 458 11.77 7.64 11.94
N LYS A 459 10.83 6.92 11.34
CA LYS A 459 10.97 5.49 11.12
C LYS A 459 12.23 5.18 10.30
N LEU A 460 12.47 5.98 9.27
CA LEU A 460 13.63 5.81 8.39
C LEU A 460 14.96 5.93 9.14
N ALA A 461 14.99 6.77 10.17
CA ALA A 461 16.20 6.94 10.96
C ALA A 461 16.60 5.66 11.66
N PHE A 462 15.64 4.91 12.18
CA PHE A 462 15.94 3.73 13.00
C PHE A 462 15.88 2.40 12.26
N PHE A 463 15.08 2.30 11.21
CA PHE A 463 14.76 0.97 10.64
C PHE A 463 14.93 0.81 9.13
N LYS A 464 15.08 1.91 8.41
CA LYS A 464 15.33 1.87 6.95
C LYS A 464 14.11 1.38 6.16
N ARG A 465 14.19 1.48 4.83
CA ARG A 465 12.99 1.53 4.00
C ARG A 465 12.26 0.21 3.86
N ASP A 466 10.92 0.28 3.82
CA ASP A 466 10.11 -0.84 3.37
C ASP A 466 10.18 -0.88 1.84
N PHE A 467 10.62 -2.02 1.30
CA PHE A 467 10.70 -2.19 -0.16
C PHE A 467 10.07 -3.53 -0.58
N PHE A 468 8.75 -3.63 -0.43
CA PHE A 468 7.99 -4.82 -0.80
C PHE A 468 7.46 -4.74 -2.25
N LYS A 469 7.57 -5.83 -3.00
CA LYS A 469 7.14 -5.82 -4.40
C LYS A 469 5.62 -5.97 -4.61
N GLY A 470 4.92 -6.55 -3.64
CA GLY A 470 3.47 -6.66 -3.71
C GLY A 470 2.69 -5.58 -2.98
N LEU A 471 3.37 -4.56 -2.46
CA LEU A 471 2.71 -3.60 -1.57
C LEU A 471 3.26 -2.17 -1.75
N MET B 1 14.00 -34.40 -10.28
CA MET B 1 15.43 -34.10 -10.59
C MET B 1 15.88 -32.85 -9.84
N LYS B 2 17.19 -32.61 -9.83
CA LYS B 2 17.82 -31.53 -9.04
C LYS B 2 17.66 -31.73 -7.53
N VAL B 3 18.77 -32.02 -6.85
CA VAL B 3 18.75 -32.28 -5.40
C VAL B 3 19.80 -31.43 -4.67
N ILE B 4 19.34 -30.48 -3.85
CA ILE B 4 20.23 -29.62 -3.06
C ILE B 4 20.55 -30.30 -1.73
N ASP B 5 21.85 -30.48 -1.46
CA ASP B 5 22.32 -31.22 -0.29
C ASP B 5 23.54 -30.53 0.31
N PRO B 6 23.32 -29.42 1.06
CA PRO B 6 24.42 -28.70 1.70
C PRO B 6 24.84 -29.35 3.01
N GLN B 7 25.95 -30.07 2.99
CA GLN B 7 26.48 -30.70 4.21
C GLN B 7 28.00 -30.94 4.13
N HIS B 8 28.72 -29.88 3.77
CA HIS B 8 30.17 -29.83 3.98
C HIS B 8 30.40 -29.61 5.45
N SER B 9 29.50 -28.83 6.06
CA SER B 9 29.44 -28.65 7.52
C SER B 9 29.13 -29.98 8.21
N ASP B 10 29.70 -30.17 9.40
CA ASP B 10 29.51 -31.40 10.17
C ASP B 10 28.21 -31.41 10.98
N LYS B 11 27.48 -30.30 10.94
CA LYS B 11 26.25 -30.13 11.72
C LYS B 11 25.05 -30.85 11.09
N PRO B 12 24.06 -31.24 11.93
CA PRO B 12 22.82 -31.79 11.37
C PRO B 12 21.93 -30.70 10.79
N ASN B 13 21.12 -31.06 9.80
CA ASN B 13 20.25 -30.10 9.10
C ASN B 13 18.80 -30.14 9.58
N VAL B 14 18.35 -29.07 10.21
CA VAL B 14 16.97 -28.94 10.66
C VAL B 14 16.21 -28.11 9.65
N LEU B 15 15.26 -28.75 8.95
CA LEU B 15 14.46 -28.08 7.93
C LEU B 15 13.13 -27.63 8.50
N ILE B 16 12.78 -26.37 8.26
CA ILE B 16 11.52 -25.81 8.76
C ILE B 16 10.57 -25.54 7.60
N LEU B 17 9.28 -25.82 7.81
CA LEU B 17 8.25 -25.54 6.82
C LEU B 17 7.28 -24.46 7.35
N GLY B 18 7.25 -23.31 6.66
CA GLY B 18 6.34 -22.21 7.01
C GLY B 18 7.05 -20.95 7.49
N SER B 19 6.33 -19.83 7.50
CA SER B 19 6.88 -18.56 8.02
C SER B 19 5.87 -17.86 8.96
N GLY B 20 5.14 -18.66 9.74
CA GLY B 20 4.14 -18.17 10.68
C GLY B 20 4.59 -18.23 12.13
N TRP B 21 3.64 -18.40 13.03
CA TRP B 21 3.93 -18.33 14.47
C TRP B 21 4.83 -19.44 14.96
N GLY B 22 4.60 -20.66 14.52
CA GLY B 22 5.44 -21.80 14.91
C GLY B 22 6.87 -21.72 14.37
N ALA B 23 6.97 -21.45 13.06
CA ALA B 23 8.26 -21.44 12.37
C ALA B 23 9.16 -20.30 12.86
N ILE B 24 8.61 -19.09 12.92
CA ILE B 24 9.40 -17.93 13.37
C ILE B 24 9.80 -18.07 14.85
N SER B 25 8.84 -18.41 15.71
CA SER B 25 9.15 -18.64 17.13
C SER B 25 10.23 -19.72 17.34
N PHE B 26 10.12 -20.82 16.59
CA PHE B 26 11.14 -21.85 16.61
C PHE B 26 12.48 -21.30 16.10
N LEU B 27 12.44 -20.56 15.00
CA LEU B 27 13.64 -19.97 14.42
C LEU B 27 14.38 -19.06 15.41
N LYS B 28 13.63 -18.23 16.14
CA LYS B 28 14.22 -17.32 17.11
C LYS B 28 14.92 -18.04 18.27
N HIS B 29 14.52 -19.27 18.56
CA HIS B 29 15.05 -20.02 19.71
C HIS B 29 16.01 -21.12 19.38
N ILE B 30 16.02 -21.60 18.13
CA ILE B 30 16.91 -22.68 17.72
C ILE B 30 18.35 -22.20 17.58
N ASP B 31 19.29 -22.97 18.14
CA ASP B 31 20.71 -22.63 18.12
C ASP B 31 21.30 -22.91 16.74
N THR B 32 21.49 -21.84 15.95
CA THR B 32 22.05 -21.94 14.59
C THR B 32 23.55 -22.31 14.54
N LYS B 33 24.20 -22.28 15.70
CA LYS B 33 25.60 -22.71 15.80
C LYS B 33 25.67 -24.23 15.85
N LYS B 34 24.66 -24.87 16.46
CA LYS B 34 24.59 -26.33 16.55
C LYS B 34 24.05 -26.98 15.27
N TYR B 35 23.09 -26.33 14.62
CA TYR B 35 22.43 -26.88 13.44
C TYR B 35 22.46 -25.91 12.27
N ASN B 36 22.41 -26.46 11.05
CA ASN B 36 22.19 -25.67 9.84
C ASN B 36 20.69 -25.59 9.58
N VAL B 37 20.12 -24.39 9.73
CA VAL B 37 18.67 -24.20 9.62
C VAL B 37 18.26 -23.72 8.24
N SER B 38 17.15 -24.26 7.72
CA SER B 38 16.61 -23.79 6.44
C SER B 38 15.08 -23.72 6.47
N ILE B 39 14.53 -22.63 5.93
CA ILE B 39 13.09 -22.43 5.88
C ILE B 39 12.57 -22.56 4.46
N ILE B 40 11.44 -23.27 4.31
CA ILE B 40 10.69 -23.32 3.07
C ILE B 40 9.30 -22.74 3.31
N SER B 41 8.93 -21.72 2.53
CA SER B 41 7.61 -21.12 2.62
C SER B 41 7.36 -20.25 1.41
N PRO B 42 6.13 -20.27 0.88
CA PRO B 42 5.84 -19.41 -0.26
C PRO B 42 5.73 -17.94 0.15
N ARG B 43 5.65 -17.67 1.45
CA ARG B 43 5.46 -16.32 1.98
C ARG B 43 6.77 -15.78 2.57
N SER B 44 7.28 -14.71 1.98
CA SER B 44 8.59 -14.16 2.33
C SER B 44 8.59 -13.36 3.63
N TYR B 45 7.46 -13.35 4.35
CA TYR B 45 7.33 -12.52 5.54
C TYR B 45 6.47 -13.17 6.61
N PHE B 46 6.58 -12.65 7.83
CA PHE B 46 5.79 -13.08 8.97
C PHE B 46 4.60 -12.16 9.11
N LEU B 47 3.44 -12.74 9.41
CA LEU B 47 2.19 -11.99 9.59
C LEU B 47 1.78 -12.02 11.07
N PHE B 48 1.49 -10.85 11.61
CA PHE B 48 0.94 -10.74 12.97
C PHE B 48 -0.59 -10.85 12.93
N THR B 49 -1.08 -12.09 12.94
CA THR B 49 -2.49 -12.37 12.64
C THR B 49 -3.52 -11.69 13.56
N PRO B 50 -3.18 -11.43 14.82
CA PRO B 50 -4.20 -10.80 15.66
C PRO B 50 -4.64 -9.38 15.25
N LEU B 51 -3.78 -8.63 14.56
CA LEU B 51 -4.17 -7.31 14.06
C LEU B 51 -4.65 -7.30 12.60
N LEU B 52 -4.67 -8.47 11.97
CA LEU B 52 -5.13 -8.57 10.58
C LEU B 52 -6.52 -7.96 10.41
N PRO B 53 -7.46 -8.22 11.35
CA PRO B 53 -8.79 -7.66 11.16
C PRO B 53 -8.88 -6.13 11.12
N SER B 54 -7.83 -5.41 11.52
CA SER B 54 -7.85 -3.93 11.47
C SER B 54 -7.28 -3.40 10.15
N ALA B 55 -6.82 -4.30 9.28
CA ALA B 55 -6.12 -3.91 8.06
C ALA B 55 -7.05 -3.42 6.94
N PRO B 56 -8.15 -4.15 6.68
CA PRO B 56 -9.04 -3.80 5.56
C PRO B 56 -9.55 -2.37 5.64
N VAL B 57 -9.90 -1.94 6.84
CA VAL B 57 -10.55 -0.65 7.06
C VAL B 57 -9.53 0.49 7.28
N GLY B 58 -8.26 0.15 7.40
CA GLY B 58 -7.20 1.14 7.48
C GLY B 58 -6.89 1.67 8.87
N THR B 59 -7.33 0.96 9.91
CA THR B 59 -6.96 1.29 11.30
C THR B 59 -5.46 1.06 11.47
N VAL B 60 -4.95 0.09 10.73
CA VAL B 60 -3.54 -0.25 10.71
C VAL B 60 -3.19 -0.48 9.24
N ASP B 61 -1.98 -0.13 8.83
CA ASP B 61 -1.56 -0.39 7.45
C ASP B 61 -1.13 -1.83 7.31
N GLU B 62 -1.30 -2.42 6.13
CA GLU B 62 -0.91 -3.79 5.90
C GLU B 62 0.60 -3.99 6.11
N LYS B 63 1.40 -3.01 5.70
CA LYS B 63 2.85 -3.07 5.90
C LYS B 63 3.24 -3.03 7.36
N SER B 64 2.42 -2.39 8.18
CA SER B 64 2.69 -2.30 9.62
C SER B 64 2.69 -3.64 10.35
N ILE B 65 1.88 -4.59 9.89
CA ILE B 65 1.69 -5.85 10.63
C ILE B 65 2.41 -7.04 10.01
N ILE B 66 3.35 -6.78 9.10
CA ILE B 66 4.21 -7.85 8.57
C ILE B 66 5.69 -7.53 8.74
N GLU B 67 6.52 -8.56 8.69
CA GLU B 67 7.97 -8.44 8.90
C GLU B 67 8.70 -9.49 8.06
N PRO B 68 9.54 -9.05 7.10
CA PRO B 68 10.31 -9.97 6.28
C PRO B 68 11.06 -11.00 7.10
N ILE B 69 11.12 -12.22 6.58
CA ILE B 69 11.83 -13.32 7.24
C ILE B 69 13.32 -12.98 7.43
N VAL B 70 13.93 -12.40 6.39
CA VAL B 70 15.39 -12.16 6.38
C VAL B 70 15.86 -11.33 7.57
N ASN B 71 14.99 -10.45 8.08
CA ASN B 71 15.30 -9.67 9.26
C ASN B 71 15.46 -10.53 10.52
N PHE B 72 14.63 -11.57 10.62
CA PHE B 72 14.75 -12.52 11.72
C PHE B 72 16.03 -13.34 11.57
N ALA B 73 16.26 -13.87 10.36
CA ALA B 73 17.44 -14.66 10.06
C ALA B 73 18.75 -13.88 10.21
N LEU B 74 18.69 -12.57 10.02
CA LEU B 74 19.87 -11.72 10.07
C LEU B 74 20.39 -11.58 11.51
N LYS B 75 19.50 -11.63 12.48
CA LYS B 75 19.87 -11.53 13.90
C LYS B 75 20.45 -12.85 14.43
N LYS B 76 20.26 -13.94 13.69
CA LYS B 76 20.86 -15.23 14.03
C LYS B 76 22.38 -15.27 13.80
N LYS B 77 23.06 -16.07 14.59
CA LYS B 77 24.53 -16.14 14.56
C LYS B 77 25.03 -17.03 13.42
N GLY B 78 24.49 -18.24 13.33
CA GLY B 78 24.90 -19.19 12.30
C GLY B 78 24.29 -18.91 10.95
N ASN B 79 24.27 -19.94 10.11
CA ASN B 79 23.75 -19.84 8.75
C ASN B 79 22.27 -20.18 8.70
N VAL B 80 21.52 -19.44 7.88
CA VAL B 80 20.12 -19.74 7.64
C VAL B 80 19.79 -19.51 6.18
N THR B 81 19.01 -20.40 5.56
CA THR B 81 18.69 -20.34 4.13
C THR B 81 17.20 -20.47 3.87
N TYR B 82 16.66 -19.54 3.08
CA TYR B 82 15.23 -19.47 2.82
C TYR B 82 14.89 -19.75 1.36
N TYR B 83 14.11 -20.79 1.13
CA TYR B 83 13.57 -21.10 -0.19
C TYR B 83 12.15 -20.51 -0.32
N GLU B 84 12.00 -19.48 -1.16
CA GLU B 84 10.69 -18.92 -1.45
C GLU B 84 9.93 -19.85 -2.37
N ALA B 85 9.24 -20.82 -1.77
CA ALA B 85 8.45 -21.81 -2.52
C ALA B 85 7.57 -22.61 -1.56
N GLU B 86 6.59 -23.34 -2.09
CA GLU B 86 5.71 -24.16 -1.25
C GLU B 86 6.11 -25.63 -1.26
N ALA B 87 5.96 -26.27 -0.12
CA ALA B 87 6.17 -27.71 -0.01
C ALA B 87 4.97 -28.40 -0.64
N THR B 88 5.25 -29.34 -1.54
CA THR B 88 4.21 -30.10 -2.22
C THR B 88 4.07 -31.51 -1.64
N SER B 89 5.21 -32.17 -1.44
CA SER B 89 5.21 -33.55 -0.97
C SER B 89 6.26 -33.78 0.11
N ILE B 90 5.86 -34.40 1.21
CA ILE B 90 6.77 -34.78 2.28
C ILE B 90 7.14 -36.25 2.12
N ASN B 91 8.44 -36.54 2.06
CA ASN B 91 8.96 -37.87 1.73
C ASN B 91 9.78 -38.47 2.88
N PRO B 92 9.12 -39.23 3.78
CA PRO B 92 9.83 -39.82 4.93
C PRO B 92 10.91 -40.82 4.55
N ASP B 93 10.58 -41.77 3.68
CA ASP B 93 11.52 -42.82 3.24
C ASP B 93 12.81 -42.25 2.63
N ARG B 94 12.68 -41.19 1.85
CA ARG B 94 13.84 -40.53 1.23
C ARG B 94 14.47 -39.47 2.13
N ASN B 95 13.73 -39.04 3.15
CA ASN B 95 14.09 -37.89 3.98
C ASN B 95 14.30 -36.64 3.13
N THR B 96 13.28 -36.30 2.35
CA THR B 96 13.29 -35.09 1.52
C THR B 96 11.92 -34.42 1.51
N VAL B 97 11.90 -33.18 1.02
CA VAL B 97 10.64 -32.47 0.79
C VAL B 97 10.66 -31.86 -0.62
N THR B 98 9.64 -32.17 -1.40
CA THR B 98 9.52 -31.66 -2.77
C THR B 98 8.99 -30.23 -2.75
N ILE B 99 9.47 -29.39 -3.67
CA ILE B 99 9.07 -27.98 -3.72
C ILE B 99 8.63 -27.54 -5.11
N LYS B 100 7.87 -26.45 -5.15
CA LYS B 100 7.29 -25.92 -6.39
C LYS B 100 7.27 -24.38 -6.36
N SER B 101 7.33 -23.77 -7.55
CA SER B 101 7.18 -22.31 -7.71
C SER B 101 8.28 -21.49 -7.04
N LEU B 102 9.53 -21.73 -7.41
CA LEU B 102 10.67 -20.99 -6.86
C LEU B 102 10.65 -19.53 -7.35
N SER B 103 10.51 -18.60 -6.42
CA SER B 103 10.47 -17.17 -6.71
C SER B 103 11.77 -16.46 -6.32
N ALA B 104 12.49 -17.01 -5.33
CA ALA B 104 13.72 -16.40 -4.84
C ALA B 104 14.49 -17.36 -3.91
N VAL B 105 15.79 -17.06 -3.75
CA VAL B 105 16.67 -17.79 -2.83
C VAL B 105 17.46 -16.76 -2.03
N SER B 106 17.46 -16.88 -0.70
CA SER B 106 18.29 -16.02 0.15
C SER B 106 19.18 -16.88 1.05
N GLN B 107 20.48 -16.57 1.05
CA GLN B 107 21.48 -17.32 1.83
C GLN B 107 22.27 -16.38 2.75
N LEU B 108 21.73 -16.11 3.94
CA LEU B 108 22.31 -15.12 4.84
C LEU B 108 23.46 -15.70 5.65
N TYR B 109 24.52 -14.89 5.81
CA TYR B 109 25.79 -15.29 6.44
C TYR B 109 26.43 -16.50 5.75
N GLN B 110 26.20 -16.61 4.43
CA GLN B 110 26.74 -17.71 3.63
C GLN B 110 27.35 -17.20 2.32
N PRO B 111 28.41 -16.37 2.41
CA PRO B 111 29.07 -15.92 1.19
C PRO B 111 29.95 -17.01 0.57
N GLU B 112 29.34 -17.92 -0.20
CA GLU B 112 30.08 -18.97 -0.90
C GLU B 112 29.32 -19.59 -2.09
N ASN B 113 28.36 -20.49 -1.81
CA ASN B 113 27.85 -21.40 -2.84
C ASN B 113 26.89 -20.81 -3.88
N HIS B 114 26.65 -21.57 -4.94
CA HIS B 114 25.71 -21.23 -6.01
C HIS B 114 24.89 -22.45 -6.35
N LEU B 115 23.57 -22.33 -6.20
CA LEU B 115 22.65 -23.45 -6.41
C LEU B 115 22.53 -23.83 -7.89
N GLY B 116 22.33 -22.83 -8.73
CA GLY B 116 22.09 -23.06 -10.16
C GLY B 116 20.67 -23.52 -10.39
N LEU B 117 19.72 -22.69 -9.96
CA LEU B 117 18.30 -23.00 -10.08
C LEU B 117 17.59 -21.93 -10.90
N HIS B 118 16.87 -22.34 -11.94
CA HIS B 118 15.96 -21.46 -12.67
C HIS B 118 14.68 -21.32 -11.89
N GLN B 119 13.85 -20.34 -12.26
CA GLN B 119 12.59 -20.09 -11.56
C GLN B 119 11.52 -21.12 -11.95
N ALA B 120 10.67 -21.46 -10.98
CA ALA B 120 9.62 -22.47 -11.14
C ALA B 120 10.17 -23.89 -11.47
N GLU B 121 11.41 -24.16 -11.08
CA GLU B 121 12.04 -25.45 -11.34
C GLU B 121 11.80 -26.40 -10.16
N PRO B 122 11.24 -27.60 -10.43
CA PRO B 122 11.05 -28.59 -9.35
C PRO B 122 12.37 -29.03 -8.70
N ALA B 123 12.31 -29.40 -7.41
CA ALA B 123 13.51 -29.81 -6.67
C ALA B 123 13.20 -30.65 -5.43
N GLU B 124 14.25 -31.22 -4.83
CA GLU B 124 14.16 -31.97 -3.58
C GLU B 124 15.20 -31.45 -2.58
N ILE B 125 14.77 -31.22 -1.33
CA ILE B 125 15.64 -30.70 -0.27
C ILE B 125 15.90 -31.78 0.78
N LYS B 126 17.16 -32.15 0.95
CA LYS B 126 17.56 -33.13 1.97
C LYS B 126 17.38 -32.57 3.38
N TYR B 127 17.18 -33.47 4.35
CA TYR B 127 17.12 -33.07 5.76
C TYR B 127 17.44 -34.21 6.71
N ASP B 128 17.90 -33.85 7.91
CA ASP B 128 18.16 -34.82 8.98
C ASP B 128 17.01 -34.79 9.99
N TYR B 129 16.54 -33.58 10.31
CA TYR B 129 15.35 -33.40 11.15
C TYR B 129 14.37 -32.42 10.46
N LEU B 130 13.07 -32.62 10.69
CA LEU B 130 12.06 -31.80 10.02
C LEU B 130 11.01 -31.30 10.98
N ILE B 131 10.81 -29.97 10.99
CA ILE B 131 9.79 -29.33 11.81
C ILE B 131 8.71 -28.80 10.88
N SER B 132 7.49 -29.31 11.06
CA SER B 132 6.37 -28.97 10.19
C SER B 132 5.40 -28.00 10.86
N ALA B 133 5.28 -26.81 10.29
CA ALA B 133 4.37 -25.78 10.81
C ALA B 133 3.74 -24.99 9.67
N VAL B 134 3.18 -25.68 8.68
CA VAL B 134 2.50 -25.02 7.56
C VAL B 134 1.16 -24.40 7.96
N GLY B 135 0.64 -24.79 9.13
CA GLY B 135 -0.66 -24.29 9.58
C GLY B 135 -1.80 -24.92 8.80
N ALA B 136 -3.02 -24.50 9.12
CA ALA B 136 -4.22 -24.99 8.43
C ALA B 136 -4.70 -24.00 7.37
N GLU B 137 -5.78 -24.36 6.69
CA GLU B 137 -6.43 -23.48 5.73
C GLU B 137 -7.92 -23.40 6.07
N PRO B 138 -8.62 -22.37 5.56
CA PRO B 138 -10.02 -22.17 5.93
C PRO B 138 -10.94 -23.32 5.51
N ASN B 139 -11.94 -23.59 6.34
CA ASN B 139 -12.90 -24.68 6.13
C ASN B 139 -14.25 -24.10 5.74
N THR B 140 -14.75 -24.47 4.57
CA THR B 140 -16.06 -24.01 4.12
C THR B 140 -17.17 -24.99 4.49
N PHE B 141 -16.80 -26.11 5.12
CA PHE B 141 -17.72 -27.17 5.53
C PHE B 141 -18.50 -27.77 4.36
N GLY B 142 -17.94 -27.68 3.15
CA GLY B 142 -18.60 -28.14 1.94
C GLY B 142 -19.87 -27.38 1.57
N ILE B 143 -20.01 -26.16 2.09
CA ILE B 143 -21.20 -25.36 1.84
C ILE B 143 -21.01 -24.60 0.53
N PRO B 144 -21.82 -24.92 -0.50
CA PRO B 144 -21.57 -24.39 -1.85
C PRO B 144 -21.57 -22.88 -1.94
N GLY B 145 -20.76 -22.36 -2.86
CA GLY B 145 -20.71 -20.93 -3.18
C GLY B 145 -19.86 -20.06 -2.29
N VAL B 146 -19.19 -20.64 -1.29
CA VAL B 146 -18.41 -19.86 -0.34
C VAL B 146 -17.15 -19.29 -1.01
N THR B 147 -16.44 -20.14 -1.76
CA THR B 147 -15.21 -19.74 -2.44
C THR B 147 -15.47 -18.88 -3.68
N ASP B 148 -16.68 -18.94 -4.22
CA ASP B 148 -17.05 -18.14 -5.39
C ASP B 148 -17.33 -16.68 -5.06
N TYR B 149 -17.96 -16.43 -3.90
CA TYR B 149 -18.42 -15.06 -3.56
C TYR B 149 -17.96 -14.56 -2.20
N GLY B 150 -17.31 -15.41 -1.42
CA GLY B 150 -16.84 -15.03 -0.09
C GLY B 150 -15.39 -14.57 -0.11
N HIS B 151 -15.02 -13.83 0.93
CA HIS B 151 -13.63 -13.49 1.21
C HIS B 151 -13.25 -14.16 2.50
N PHE B 152 -12.16 -14.95 2.48
CA PHE B 152 -11.58 -15.44 3.73
C PHE B 152 -10.83 -14.30 4.39
N LEU B 153 -10.55 -14.44 5.67
CA LEU B 153 -9.80 -13.43 6.41
C LEU B 153 -8.55 -14.08 7.01
N LYS B 154 -7.67 -14.51 6.13
CA LYS B 154 -6.50 -15.32 6.48
C LYS B 154 -5.15 -14.66 6.19
N GLU B 155 -5.06 -13.92 5.09
CA GLU B 155 -3.78 -13.41 4.60
C GLU B 155 -3.87 -11.96 4.11
N ILE B 156 -2.72 -11.30 3.96
CA ILE B 156 -2.71 -9.88 3.53
C ILE B 156 -3.50 -9.61 2.25
N PRO B 157 -3.35 -10.46 1.22
CA PRO B 157 -4.17 -10.25 0.03
C PRO B 157 -5.67 -10.18 0.32
N ASN B 158 -6.13 -10.98 1.27
CA ASN B 158 -7.54 -10.98 1.66
C ASN B 158 -7.99 -9.64 2.19
N SER B 159 -7.10 -8.95 2.89
CA SER B 159 -7.39 -7.59 3.38
C SER B 159 -7.60 -6.60 2.22
N LEU B 160 -6.80 -6.74 1.17
CA LEU B 160 -6.91 -5.86 0.01
C LEU B 160 -8.18 -6.14 -0.81
N GLU B 161 -8.57 -7.40 -0.90
CA GLU B 161 -9.78 -7.79 -1.63
C GLU B 161 -11.04 -7.24 -0.93
N ILE B 162 -11.09 -7.37 0.39
CA ILE B 162 -12.22 -6.88 1.18
C ILE B 162 -12.38 -5.37 1.06
N ARG B 163 -11.27 -4.63 1.10
CA ARG B 163 -11.32 -3.18 0.89
C ARG B 163 -11.82 -2.83 -0.51
N ARG B 164 -11.30 -3.51 -1.53
CA ARG B 164 -11.70 -3.26 -2.91
C ARG B 164 -13.18 -3.53 -3.14
N THR B 165 -13.68 -4.64 -2.62
CA THR B 165 -15.11 -4.97 -2.72
C THR B 165 -15.97 -3.90 -2.06
N PHE B 166 -15.64 -3.56 -0.81
CA PHE B 166 -16.44 -2.64 -0.01
C PHE B 166 -16.39 -1.21 -0.54
N ALA B 167 -15.22 -0.77 -1.01
CA ALA B 167 -15.10 0.56 -1.60
C ALA B 167 -15.94 0.66 -2.90
N ALA B 168 -15.87 -0.39 -3.71
CA ALA B 168 -16.67 -0.49 -4.93
C ALA B 168 -18.16 -0.38 -4.62
N ASN B 169 -18.64 -1.16 -3.66
CA ASN B 169 -20.03 -1.14 -3.26
C ASN B 169 -20.50 0.23 -2.76
N LEU B 170 -19.66 0.91 -1.97
CA LEU B 170 -19.99 2.24 -1.45
C LEU B 170 -20.17 3.23 -2.61
N GLU B 171 -19.25 3.19 -3.57
CA GLU B 171 -19.33 4.07 -4.73
C GLU B 171 -20.61 3.84 -5.54
N LYS B 172 -20.93 2.58 -5.78
CA LYS B 172 -22.15 2.23 -6.52
C LYS B 172 -23.39 2.71 -5.77
N ALA B 173 -23.53 2.25 -4.53
CA ALA B 173 -24.67 2.62 -3.69
C ALA B 173 -24.97 4.13 -3.72
N ASN B 174 -23.91 4.93 -3.67
CA ASN B 174 -24.04 6.39 -3.61
C ASN B 174 -24.76 7.01 -4.82
N LEU B 175 -24.70 6.33 -5.96
CA LEU B 175 -25.37 6.81 -7.17
C LEU B 175 -26.86 6.48 -7.21
N LEU B 176 -27.30 5.48 -6.45
CA LEU B 176 -28.71 5.09 -6.40
C LEU B 176 -29.47 5.97 -5.39
N PRO B 177 -30.80 6.12 -5.59
CA PRO B 177 -31.61 6.94 -4.68
C PRO B 177 -31.85 6.26 -3.33
N LYS B 178 -32.12 7.06 -2.30
CA LYS B 178 -32.17 6.57 -0.91
C LYS B 178 -33.11 5.38 -0.68
N GLY B 179 -34.17 5.28 -1.48
CA GLY B 179 -35.11 4.16 -1.38
C GLY B 179 -34.52 2.83 -1.83
N ASP B 180 -33.95 2.84 -3.04
CA ASP B 180 -33.64 1.62 -3.79
C ASP B 180 -33.21 0.44 -2.92
N PRO B 181 -33.84 -0.73 -3.11
CA PRO B 181 -33.39 -1.92 -2.38
C PRO B 181 -31.99 -2.39 -2.76
N GLU B 182 -31.58 -2.16 -4.02
CA GLU B 182 -30.19 -2.46 -4.43
C GLU B 182 -29.17 -1.68 -3.61
N ARG B 183 -29.45 -0.39 -3.40
CA ARG B 183 -28.64 0.42 -2.50
C ARG B 183 -28.48 -0.26 -1.15
N ARG B 184 -29.59 -0.74 -0.60
CA ARG B 184 -29.59 -1.42 0.71
C ARG B 184 -28.75 -2.70 0.71
N ARG B 185 -28.80 -3.48 -0.36
CA ARG B 185 -27.99 -4.70 -0.44
C ARG B 185 -26.50 -4.40 -0.59
N LEU B 186 -26.19 -3.39 -1.41
CA LEU B 186 -24.80 -3.01 -1.65
C LEU B 186 -24.13 -2.48 -0.38
N LEU B 187 -24.91 -1.94 0.55
CA LEU B 187 -24.38 -1.46 1.82
C LEU B 187 -24.50 -2.51 2.94
N SER B 188 -24.75 -3.77 2.58
CA SER B 188 -24.90 -4.84 3.58
C SER B 188 -23.66 -5.75 3.68
N ILE B 189 -23.14 -5.91 4.89
CA ILE B 189 -21.97 -6.77 5.13
C ILE B 189 -22.32 -7.95 6.06
N VAL B 190 -21.77 -9.12 5.76
CA VAL B 190 -22.05 -10.33 6.53
C VAL B 190 -20.77 -11.04 6.92
N VAL B 191 -20.54 -11.15 8.23
CA VAL B 191 -19.39 -11.86 8.80
C VAL B 191 -19.87 -13.19 9.38
N VAL B 192 -19.31 -14.29 8.91
CA VAL B 192 -19.67 -15.62 9.40
C VAL B 192 -18.63 -16.11 10.40
N GLY B 193 -19.05 -16.30 11.65
CA GLY B 193 -18.14 -16.72 12.71
C GLY B 193 -18.30 -15.91 14.00
N GLY B 194 -18.75 -16.57 15.06
CA GLY B 194 -18.94 -15.92 16.36
C GLY B 194 -17.69 -15.82 17.24
N GLY B 195 -16.57 -16.35 16.75
CA GLY B 195 -15.31 -16.30 17.49
C GLY B 195 -14.63 -14.94 17.37
N PRO B 196 -13.49 -14.78 18.05
CA PRO B 196 -12.73 -13.52 18.08
C PRO B 196 -12.46 -12.86 16.72
N THR B 197 -11.99 -13.63 15.74
CA THR B 197 -11.71 -13.06 14.41
C THR B 197 -12.95 -12.39 13.80
N GLY B 198 -14.09 -13.07 13.90
CA GLY B 198 -15.33 -12.55 13.34
C GLY B 198 -15.86 -11.34 14.09
N VAL B 199 -15.77 -11.38 15.41
CA VAL B 199 -16.24 -10.26 16.22
C VAL B 199 -15.39 -9.03 15.90
N GLU B 200 -14.07 -9.21 15.92
CA GLU B 200 -13.15 -8.10 15.62
C GLU B 200 -13.37 -7.50 14.24
N ALA B 201 -13.66 -8.37 13.27
CA ALA B 201 -13.94 -7.94 11.90
C ALA B 201 -15.19 -7.09 11.81
N ALA B 202 -16.25 -7.50 12.51
CA ALA B 202 -17.48 -6.72 12.57
C ALA B 202 -17.25 -5.40 13.31
N GLY B 203 -16.45 -5.46 14.39
CA GLY B 203 -16.14 -4.27 15.16
C GLY B 203 -15.39 -3.21 14.36
N GLU B 204 -14.36 -3.64 13.63
CA GLU B 204 -13.56 -2.70 12.86
C GLU B 204 -14.35 -2.06 11.73
N LEU B 205 -15.16 -2.86 11.05
CA LEU B 205 -16.02 -2.37 9.97
C LEU B 205 -17.02 -1.37 10.47
N GLN B 206 -17.55 -1.62 11.67
CA GLN B 206 -18.51 -0.69 12.29
C GLN B 206 -17.81 0.59 12.73
N ASP B 207 -16.60 0.47 13.24
CA ASP B 207 -15.80 1.65 13.62
C ASP B 207 -15.62 2.56 12.41
N TYR B 208 -15.28 1.97 11.27
CA TYR B 208 -15.06 2.76 10.07
C TYR B 208 -16.30 3.52 9.67
N VAL B 209 -17.46 2.84 9.73
CA VAL B 209 -18.72 3.46 9.34
C VAL B 209 -19.06 4.64 10.25
N HIS B 210 -19.17 4.40 11.56
CA HIS B 210 -19.56 5.43 12.53
C HIS B 210 -18.62 6.61 12.58
N GLN B 211 -17.32 6.35 12.43
CA GLN B 211 -16.30 7.38 12.67
C GLN B 211 -15.87 8.12 11.40
N ASP B 212 -15.61 7.38 10.33
CA ASP B 212 -15.04 7.97 9.11
C ASP B 212 -16.10 8.27 8.05
N LEU B 213 -16.90 7.27 7.72
CA LEU B 213 -17.86 7.39 6.63
C LEU B 213 -18.94 8.44 6.92
N ARG B 214 -19.36 8.51 8.18
CA ARG B 214 -20.42 9.42 8.59
C ARG B 214 -20.05 10.90 8.42
N LYS B 215 -18.76 11.21 8.48
CA LYS B 215 -18.30 12.59 8.46
C LYS B 215 -18.37 13.24 7.08
N PHE B 216 -18.33 12.44 6.02
CA PHE B 216 -18.45 12.98 4.65
C PHE B 216 -19.57 12.39 3.79
N LEU B 217 -20.18 11.28 4.23
CA LEU B 217 -21.37 10.74 3.58
C LEU B 217 -22.33 10.12 4.61
N PRO B 218 -22.87 10.95 5.51
CA PRO B 218 -23.75 10.45 6.57
C PRO B 218 -24.96 9.68 6.03
N ALA B 219 -25.49 10.12 4.89
CA ALA B 219 -26.61 9.45 4.24
C ALA B 219 -26.32 7.97 4.00
N LEU B 220 -25.19 7.69 3.37
CA LEU B 220 -24.77 6.30 3.13
C LEU B 220 -24.51 5.55 4.43
N ALA B 221 -23.89 6.24 5.39
CA ALA B 221 -23.48 5.63 6.66
C ALA B 221 -24.66 5.08 7.46
N GLU B 222 -25.79 5.79 7.42
CA GLU B 222 -26.97 5.39 8.17
C GLU B 222 -27.58 4.09 7.63
N GLU B 223 -27.49 3.87 6.33
CA GLU B 223 -28.11 2.70 5.68
C GLU B 223 -27.24 1.45 5.61
N VAL B 224 -25.99 1.53 6.07
CA VAL B 224 -25.12 0.35 6.11
C VAL B 224 -25.58 -0.59 7.23
N GLN B 225 -25.47 -1.89 6.98
CA GLN B 225 -25.95 -2.92 7.93
C GLN B 225 -24.97 -4.07 8.00
N ILE B 226 -24.59 -4.46 9.21
CA ILE B 226 -23.57 -5.49 9.43
C ILE B 226 -24.15 -6.64 10.23
N HIS B 227 -24.03 -7.86 9.68
CA HIS B 227 -24.56 -9.07 10.28
C HIS B 227 -23.47 -9.97 10.77
N LEU B 228 -23.69 -10.60 11.93
CA LEU B 228 -22.77 -11.61 12.46
C LEU B 228 -23.53 -12.91 12.68
N VAL B 229 -23.15 -13.96 11.97
CA VAL B 229 -23.82 -15.26 12.07
C VAL B 229 -22.95 -16.31 12.76
N GLU B 230 -23.54 -17.07 13.68
CA GLU B 230 -22.82 -18.09 14.43
C GLU B 230 -23.76 -19.25 14.79
N ALA B 231 -23.26 -20.48 14.56
CA ALA B 231 -24.07 -21.68 14.74
C ALA B 231 -24.32 -22.01 16.21
N LEU B 232 -23.32 -21.79 17.06
CA LEU B 232 -23.45 -22.02 18.50
C LEU B 232 -24.36 -20.96 19.13
N PRO B 233 -24.96 -21.26 20.31
CA PRO B 233 -25.90 -20.34 20.93
C PRO B 233 -25.25 -19.16 21.67
N ILE B 234 -23.91 -19.17 21.75
CA ILE B 234 -23.19 -18.13 22.46
C ILE B 234 -22.01 -17.65 21.61
N VAL B 235 -21.85 -16.33 21.52
CA VAL B 235 -20.69 -15.73 20.87
C VAL B 235 -19.50 -15.83 21.83
N LEU B 236 -18.31 -16.02 21.27
CA LEU B 236 -17.06 -16.08 22.04
C LEU B 236 -17.12 -17.07 23.21
N ASN B 237 -17.48 -18.32 22.89
CA ASN B 237 -17.71 -19.37 23.90
C ASN B 237 -16.52 -19.75 24.78
N MET B 238 -15.32 -19.35 24.37
CA MET B 238 -14.08 -19.65 25.10
C MET B 238 -13.87 -18.77 26.34
N PHE B 239 -14.77 -17.82 26.59
CA PHE B 239 -14.76 -16.99 27.80
C PHE B 239 -15.84 -17.48 28.77
N GLU B 240 -15.83 -16.95 30.01
CA GLU B 240 -16.92 -17.23 30.95
C GLU B 240 -18.20 -16.58 30.43
N LYS B 241 -19.35 -17.20 30.72
CA LYS B 241 -20.66 -16.73 30.25
C LYS B 241 -20.86 -15.23 30.46
N LYS B 242 -20.44 -14.75 31.63
CA LYS B 242 -20.60 -13.34 32.02
C LYS B 242 -19.97 -12.37 31.03
N LEU B 243 -18.78 -12.70 30.53
CA LEU B 243 -18.08 -11.88 29.54
C LEU B 243 -18.66 -12.01 28.14
N SER B 244 -19.17 -13.20 27.81
CA SER B 244 -19.84 -13.42 26.52
C SER B 244 -21.09 -12.56 26.39
N SER B 245 -21.85 -12.47 27.48
CA SER B 245 -23.10 -11.71 27.50
C SER B 245 -22.85 -10.23 27.27
N TYR B 246 -21.96 -9.66 28.07
CA TYR B 246 -21.52 -8.28 27.85
C TYR B 246 -21.11 -8.07 26.38
N ALA B 247 -20.34 -9.01 25.83
CA ALA B 247 -19.88 -8.94 24.44
C ALA B 247 -21.05 -8.83 23.46
N GLN B 248 -22.06 -9.65 23.69
CA GLN B 248 -23.20 -9.71 22.78
C GLN B 248 -24.06 -8.45 22.86
N SER B 249 -24.29 -7.98 24.09
CA SER B 249 -25.02 -6.73 24.32
C SER B 249 -24.36 -5.56 23.59
N HIS B 250 -23.06 -5.43 23.76
CA HIS B 250 -22.33 -4.31 23.19
C HIS B 250 -22.41 -4.29 21.70
N LEU B 251 -22.19 -5.45 21.08
CA LEU B 251 -22.29 -5.60 19.63
C LEU B 251 -23.64 -5.08 19.11
N GLU B 252 -24.71 -5.48 19.79
CA GLU B 252 -26.06 -5.05 19.41
C GLU B 252 -26.31 -3.57 19.67
N ASN B 253 -25.74 -3.03 20.76
CA ASN B 253 -25.78 -1.57 21.02
C ASN B 253 -25.08 -0.75 19.94
N THR B 254 -23.99 -1.27 19.39
CA THR B 254 -23.29 -0.61 18.29
C THR B 254 -23.96 -0.90 16.94
N SER B 255 -25.19 -1.44 17.00
CA SER B 255 -26.10 -1.61 15.86
C SER B 255 -25.71 -2.73 14.90
N ILE B 256 -25.08 -3.78 15.43
CA ILE B 256 -24.74 -4.96 14.64
C ILE B 256 -25.79 -6.05 14.88
N LYS B 257 -26.28 -6.64 13.80
CA LYS B 257 -27.32 -7.66 13.89
C LYS B 257 -26.70 -9.07 14.08
N VAL B 258 -26.80 -9.60 15.31
CA VAL B 258 -26.20 -10.89 15.65
C VAL B 258 -27.18 -12.02 15.43
N HIS B 259 -26.75 -13.06 14.71
CA HIS B 259 -27.61 -14.22 14.41
C HIS B 259 -27.04 -15.46 15.06
N LEU B 260 -27.53 -15.77 16.25
CA LEU B 260 -27.07 -16.95 16.99
C LEU B 260 -27.92 -18.16 16.65
N ARG B 261 -27.39 -19.35 16.95
CA ARG B 261 -28.05 -20.62 16.66
C ARG B 261 -28.36 -20.80 15.17
N THR B 262 -27.46 -20.28 14.32
CA THR B 262 -27.72 -20.17 12.89
C THR B 262 -26.59 -20.79 12.07
N ALA B 263 -26.94 -21.75 11.22
CA ALA B 263 -26.01 -22.33 10.25
C ALA B 263 -26.31 -21.79 8.85
N VAL B 264 -25.27 -21.64 8.04
CA VAL B 264 -25.44 -21.27 6.64
C VAL B 264 -25.57 -22.54 5.78
N ALA B 265 -26.60 -22.59 4.96
CA ALA B 265 -26.87 -23.77 4.12
C ALA B 265 -26.26 -23.63 2.72
N LYS B 266 -26.37 -22.44 2.15
CA LYS B 266 -25.88 -22.17 0.81
C LYS B 266 -25.53 -20.69 0.68
N VAL B 267 -24.59 -20.37 -0.20
CA VAL B 267 -24.20 -18.98 -0.47
C VAL B 267 -24.32 -18.64 -1.96
N GLU B 268 -25.15 -17.63 -2.27
CA GLU B 268 -25.38 -17.20 -3.64
C GLU B 268 -24.69 -15.87 -3.93
N GLU B 269 -24.79 -15.39 -5.18
CA GLU B 269 -24.08 -14.18 -5.59
CA GLU B 269 -24.08 -14.18 -5.58
C GLU B 269 -24.50 -12.94 -4.80
N LYS B 270 -25.79 -12.82 -4.50
CA LYS B 270 -26.33 -11.62 -3.84
C LYS B 270 -26.97 -11.85 -2.46
N GLN B 271 -26.91 -13.07 -1.96
CA GLN B 271 -27.57 -13.42 -0.69
C GLN B 271 -27.09 -14.77 -0.16
N LEU B 272 -27.39 -15.06 1.10
CA LEU B 272 -27.15 -16.41 1.62
C LEU B 272 -28.36 -16.96 2.34
N LEU B 273 -28.48 -18.29 2.26
CA LEU B 273 -29.57 -19.02 2.86
C LEU B 273 -29.09 -19.54 4.20
N ALA B 274 -29.86 -19.27 5.26
CA ALA B 274 -29.52 -19.70 6.61
C ALA B 274 -30.68 -20.45 7.25
N LYS B 275 -30.34 -21.39 8.13
CA LYS B 275 -31.32 -22.08 8.98
C LYS B 275 -31.07 -21.68 10.43
N THR B 276 -32.07 -21.09 11.08
CA THR B 276 -31.97 -20.69 12.49
C THR B 276 -32.77 -21.63 13.38
N LYS B 277 -32.19 -22.01 14.52
CA LYS B 277 -32.74 -23.06 15.40
C LYS B 277 -33.20 -22.45 16.73
N HIS B 278 -34.50 -22.21 16.87
CA HIS B 278 -35.05 -21.39 17.96
C HIS B 278 -35.14 -22.10 19.28
N GLU B 279 -35.50 -21.34 20.32
CA GLU B 279 -35.59 -21.83 21.71
C GLU B 279 -36.60 -22.97 21.87
N ASP B 280 -37.74 -22.83 21.19
CA ASP B 280 -38.79 -23.87 21.20
C ASP B 280 -38.47 -25.07 20.29
N GLY B 281 -37.23 -25.14 19.79
CA GLY B 281 -36.77 -26.28 19.01
C GLY B 281 -37.17 -26.29 17.54
N LYS B 282 -37.81 -25.22 17.08
CA LYS B 282 -38.29 -25.13 15.69
C LYS B 282 -37.22 -24.50 14.82
N ILE B 283 -37.11 -24.95 13.57
CA ILE B 283 -36.15 -24.39 12.62
C ILE B 283 -36.85 -23.51 11.58
N THR B 284 -36.25 -22.35 11.29
CA THR B 284 -36.77 -21.45 10.27
C THR B 284 -35.72 -21.17 9.19
N GLU B 285 -36.19 -20.65 8.06
CA GLU B 285 -35.34 -20.23 6.95
C GLU B 285 -35.39 -18.72 6.85
N GLU B 286 -34.27 -18.10 6.51
CA GLU B 286 -34.21 -16.67 6.21
C GLU B 286 -33.16 -16.41 5.15
N THR B 287 -33.46 -15.45 4.27
CA THR B 287 -32.48 -14.92 3.34
C THR B 287 -31.80 -13.72 3.97
N ILE B 288 -30.48 -13.63 3.78
CA ILE B 288 -29.73 -12.46 4.21
C ILE B 288 -29.04 -11.87 2.99
N PRO B 289 -29.58 -10.77 2.45
CA PRO B 289 -28.92 -10.05 1.37
C PRO B 289 -27.55 -9.55 1.79
N TYR B 290 -26.63 -9.43 0.83
CA TYR B 290 -25.30 -8.92 1.14
C TYR B 290 -24.59 -8.42 -0.13
N GLY B 291 -23.63 -7.52 0.09
CA GLY B 291 -22.69 -7.10 -0.95
C GLY B 291 -21.26 -7.57 -0.70
N THR B 292 -20.93 -7.83 0.57
CA THR B 292 -19.58 -8.24 0.98
C THR B 292 -19.66 -9.32 2.03
N LEU B 293 -19.15 -10.52 1.73
CA LEU B 293 -19.20 -11.65 2.65
C LEU B 293 -17.81 -12.02 3.17
N ILE B 294 -17.60 -11.84 4.48
CA ILE B 294 -16.36 -12.25 5.14
C ILE B 294 -16.56 -13.59 5.83
N TRP B 295 -15.79 -14.59 5.43
CA TRP B 295 -15.88 -15.94 6.01
C TRP B 295 -14.78 -16.16 7.01
N ALA B 296 -15.13 -16.18 8.29
CA ALA B 296 -14.17 -16.28 9.37
C ALA B 296 -14.50 -17.43 10.32
N THR B 297 -14.65 -18.62 9.76
CA THR B 297 -14.90 -19.84 10.55
C THR B 297 -13.64 -20.71 10.58
N GLY B 298 -13.78 -21.97 10.99
CA GLY B 298 -12.64 -22.79 11.38
C GLY B 298 -11.71 -23.29 10.31
N ASN B 299 -10.94 -24.32 10.67
CA ASN B 299 -9.78 -24.78 9.93
C ASN B 299 -9.89 -26.19 9.36
N LYS B 300 -8.94 -26.51 8.49
CA LYS B 300 -8.93 -27.76 7.76
C LYS B 300 -7.49 -28.04 7.35
N ALA B 301 -7.07 -29.30 7.45
CA ALA B 301 -5.70 -29.69 7.12
C ALA B 301 -5.35 -29.39 5.67
N ARG B 302 -4.09 -29.05 5.41
CA ARG B 302 -3.62 -28.73 4.07
C ARG B 302 -3.30 -30.00 3.28
N PRO B 303 -3.37 -29.92 1.93
CA PRO B 303 -3.06 -31.06 1.05
C PRO B 303 -1.71 -31.75 1.34
N VAL B 304 -0.73 -31.01 1.84
CA VAL B 304 0.59 -31.59 2.13
C VAL B 304 0.54 -32.49 3.35
N ILE B 305 -0.25 -32.10 4.34
CA ILE B 305 -0.43 -32.90 5.56
C ILE B 305 -1.30 -34.13 5.27
N THR B 306 -2.36 -33.94 4.48
CA THR B 306 -3.22 -35.03 4.04
C THR B 306 -2.43 -36.10 3.28
N ASP B 307 -1.58 -35.65 2.37
CA ASP B 307 -0.73 -36.54 1.57
C ASP B 307 0.26 -37.32 2.45
N LEU B 308 0.61 -36.75 3.61
CA LEU B 308 1.50 -37.42 4.56
C LEU B 308 0.78 -38.51 5.37
N PHE B 309 -0.54 -38.42 5.51
CA PHE B 309 -1.32 -39.44 6.23
C PHE B 309 -1.27 -40.82 5.55
N LYS B 310 -1.17 -40.82 4.21
CA LYS B 310 -1.21 -42.05 3.42
C LYS B 310 0.11 -42.80 3.51
N LYS B 311 1.20 -42.07 3.72
CA LYS B 311 2.55 -42.64 3.64
C LYS B 311 2.99 -43.30 4.95
N ILE B 312 2.69 -42.67 6.08
CA ILE B 312 3.03 -43.23 7.38
C ILE B 312 1.89 -44.12 7.88
N PRO B 313 2.17 -45.43 8.10
CA PRO B 313 1.15 -46.42 8.49
C PRO B 313 0.22 -46.02 9.64
N GLU B 314 0.79 -45.54 10.74
CA GLU B 314 0.00 -45.16 11.93
C GLU B 314 -0.59 -43.74 11.84
N GLN B 315 -0.24 -43.00 10.80
CA GLN B 315 -0.83 -41.67 10.55
C GLN B 315 -2.09 -41.76 9.69
N ASN B 316 -2.57 -42.98 9.42
CA ASN B 316 -3.79 -43.17 8.64
C ASN B 316 -4.99 -42.50 9.29
N SER B 317 -5.36 -42.95 10.48
CA SER B 317 -6.47 -42.37 11.22
C SER B 317 -6.12 -41.01 11.80
N SER B 318 -6.10 -39.99 10.95
CA SER B 318 -5.79 -38.62 11.33
C SER B 318 -6.45 -37.68 10.34
N LYS B 319 -7.15 -36.66 10.85
CA LYS B 319 -7.90 -35.73 10.00
C LYS B 319 -7.60 -34.26 10.31
N ARG B 320 -7.88 -33.84 11.55
CA ARG B 320 -7.66 -32.45 11.95
C ARG B 320 -6.21 -32.01 11.73
N GLY B 321 -5.28 -32.85 12.18
CA GLY B 321 -3.85 -32.60 12.00
C GLY B 321 -3.04 -33.86 12.19
N LEU B 322 -1.72 -33.72 12.32
CA LEU B 322 -0.85 -34.86 12.55
C LEU B 322 -0.92 -35.34 14.00
N ALA B 323 -1.01 -36.65 14.20
CA ALA B 323 -1.00 -37.24 15.55
C ALA B 323 0.42 -37.15 16.12
N VAL B 324 0.52 -36.64 17.35
CA VAL B 324 1.82 -36.23 17.92
C VAL B 324 2.03 -36.68 19.38
N ASN B 325 3.29 -36.86 19.77
CA ASN B 325 3.65 -37.35 21.11
C ASN B 325 3.39 -36.33 22.22
N ASP B 326 3.77 -36.68 23.44
CA ASP B 326 3.90 -35.71 24.52
C ASP B 326 5.17 -34.87 24.34
N PHE B 327 6.07 -35.32 23.46
CA PHE B 327 7.29 -34.59 23.13
C PHE B 327 7.20 -33.88 21.76
N LEU B 328 6.00 -33.86 21.19
CA LEU B 328 5.73 -33.19 19.89
C LEU B 328 6.45 -33.83 18.70
N GLN B 329 6.77 -35.12 18.81
CA GLN B 329 7.28 -35.89 17.68
C GLN B 329 6.10 -36.53 16.95
N VAL B 330 6.19 -36.57 15.62
CA VAL B 330 5.13 -37.17 14.79
C VAL B 330 5.11 -38.69 14.98
N LYS B 331 3.95 -39.22 15.35
CA LYS B 331 3.81 -40.64 15.63
C LYS B 331 4.08 -41.49 14.39
N GLY B 332 5.05 -42.40 14.48
CA GLY B 332 5.42 -43.28 13.38
C GLY B 332 6.66 -42.84 12.62
N SER B 333 7.07 -41.59 12.80
CA SER B 333 8.24 -41.06 12.10
C SER B 333 9.45 -41.08 13.01
N ASN B 334 10.62 -41.16 12.38
CA ASN B 334 11.89 -41.19 13.08
C ASN B 334 12.41 -39.81 13.45
N ASN B 335 12.10 -38.81 12.62
CA ASN B 335 12.69 -37.48 12.74
C ASN B 335 11.80 -36.29 12.36
N ILE B 336 10.50 -36.54 12.17
CA ILE B 336 9.57 -35.48 11.80
C ILE B 336 8.86 -34.96 13.04
N PHE B 337 8.79 -33.64 13.17
CA PHE B 337 8.12 -32.98 14.28
C PHE B 337 7.04 -32.04 13.75
N ALA B 338 6.03 -31.79 14.56
CA ALA B 338 4.92 -30.94 14.15
C ALA B 338 4.50 -30.00 15.27
N ILE B 339 4.35 -28.72 14.93
CA ILE B 339 3.87 -27.70 15.87
C ILE B 339 2.84 -26.80 15.20
N GLY B 340 1.95 -26.23 16.02
CA GLY B 340 0.94 -25.29 15.53
C GLY B 340 -0.35 -25.94 15.07
N ASP B 341 -1.07 -25.25 14.18
CA ASP B 341 -2.37 -25.72 13.69
C ASP B 341 -2.30 -27.01 12.87
N ASN B 342 -1.16 -27.29 12.24
CA ASN B 342 -1.01 -28.49 11.42
C ASN B 342 -0.65 -29.73 12.24
N ALA B 343 -0.76 -29.64 13.56
CA ALA B 343 -0.41 -30.74 14.46
C ALA B 343 -1.45 -30.91 15.55
N PHE B 344 -2.02 -32.11 15.64
CA PHE B 344 -3.04 -32.41 16.64
C PHE B 344 -2.42 -32.93 17.93
N ALA B 345 -2.68 -32.24 19.03
CA ALA B 345 -2.26 -32.70 20.36
C ALA B 345 -3.33 -32.37 21.41
N GLY B 346 -4.60 -32.45 21.00
CA GLY B 346 -5.71 -32.10 21.87
C GLY B 346 -5.67 -30.69 22.43
N LEU B 347 -5.04 -29.77 21.69
CA LEU B 347 -4.93 -28.38 22.11
C LEU B 347 -5.65 -27.51 21.11
N PRO B 348 -6.03 -26.30 21.52
CA PRO B 348 -6.68 -25.39 20.57
C PRO B 348 -5.77 -25.00 19.39
N PRO B 349 -6.37 -24.49 18.29
CA PRO B 349 -5.60 -23.94 17.18
C PRO B 349 -5.43 -22.44 17.35
N THR B 350 -4.49 -22.04 18.22
CA THR B 350 -4.30 -20.62 18.55
C THR B 350 -2.81 -20.26 18.54
N ALA B 351 -2.53 -18.96 18.39
CA ALA B 351 -1.15 -18.47 18.33
C ALA B 351 -0.38 -18.75 19.62
N GLN B 352 -1.07 -18.73 20.74
CA GLN B 352 -0.44 -18.99 22.04
C GLN B 352 0.11 -20.43 22.09
N VAL B 353 -0.65 -21.38 21.55
CA VAL B 353 -0.23 -22.79 21.53
C VAL B 353 0.97 -22.99 20.60
N ALA B 354 0.99 -22.29 19.48
CA ALA B 354 2.08 -22.39 18.50
C ALA B 354 3.41 -21.89 19.07
N HIS B 355 3.34 -20.76 19.76
CA HIS B 355 4.52 -20.13 20.32
C HIS B 355 5.15 -20.98 21.41
N GLN B 356 4.33 -21.48 22.32
CA GLN B 356 4.84 -22.28 23.44
C GLN B 356 5.41 -23.64 22.98
N GLU B 357 4.73 -24.30 22.05
CA GLU B 357 5.24 -25.53 21.45
C GLU B 357 6.58 -25.27 20.75
N ALA B 358 6.63 -24.17 19.98
CA ALA B 358 7.85 -23.76 19.28
C ALA B 358 9.03 -23.62 20.25
N GLU B 359 8.83 -22.87 21.35
CA GLU B 359 9.88 -22.69 22.35
C GLU B 359 10.32 -24.01 22.98
N TYR B 360 9.36 -24.77 23.49
CA TYR B 360 9.63 -26.09 24.06
C TYR B 360 10.52 -26.89 23.13
N LEU B 361 10.07 -27.07 21.90
CA LEU B 361 10.78 -27.90 20.91
C LEU B 361 12.19 -27.34 20.65
N ALA B 362 12.28 -26.03 20.44
CA ALA B 362 13.56 -25.35 20.24
C ALA B 362 14.49 -25.58 21.43
N LYS B 363 13.97 -25.38 22.64
CA LYS B 363 14.72 -25.64 23.86
C LYS B 363 15.28 -27.06 23.85
N ASN B 364 14.43 -28.05 23.55
CA ASN B 364 14.86 -29.45 23.52
C ASN B 364 15.97 -29.70 22.50
N PHE B 365 15.80 -29.23 21.28
CA PHE B 365 16.83 -29.37 20.25
C PHE B 365 18.21 -28.86 20.71
N ASP B 366 18.22 -27.69 21.37
CA ASP B 366 19.47 -27.12 21.89
C ASP B 366 20.07 -27.97 23.01
N LYS B 367 19.21 -28.74 23.68
CA LYS B 367 19.63 -29.69 24.70
C LYS B 367 20.11 -30.98 24.04
N MET B 368 19.35 -31.45 23.05
CA MET B 368 19.69 -32.66 22.27
C MET B 368 21.04 -32.56 21.56
N ALA B 369 21.51 -31.33 21.31
CA ALA B 369 22.76 -31.11 20.56
C ALA B 369 23.99 -31.01 21.48
N GLN B 370 24.02 -31.81 22.52
CA GLN B 370 25.16 -31.88 23.44
C GLN B 370 25.39 -33.33 23.87
N ILE B 371 25.33 -34.24 22.90
CA ILE B 371 25.39 -35.70 23.15
C ILE B 371 26.12 -36.41 21.99
N PRO B 372 26.83 -37.53 22.27
CA PRO B 372 27.44 -38.31 21.18
C PRO B 372 26.44 -39.02 20.26
N ASN B 373 25.32 -39.49 20.81
CA ASN B 373 24.34 -40.28 20.04
C ASN B 373 23.57 -39.47 18.99
N PHE B 374 23.29 -38.20 19.29
CA PHE B 374 22.62 -37.30 18.34
C PHE B 374 23.56 -36.84 17.22
N GLN B 375 24.87 -36.89 17.46
CA GLN B 375 25.87 -36.49 16.47
C GLN B 375 25.82 -37.42 15.24
N LYS B 384 16.56 -45.08 16.29
CA LYS B 384 17.84 -44.68 16.85
C LYS B 384 17.70 -43.37 17.61
N ILE B 385 16.95 -42.43 17.03
CA ILE B 385 16.77 -41.09 17.60
C ILE B 385 15.63 -41.04 18.64
N ASP B 386 14.63 -41.91 18.49
CA ASP B 386 13.44 -41.90 19.34
C ASP B 386 13.73 -42.28 20.80
N LEU B 387 14.53 -43.33 21.01
CA LEU B 387 14.85 -43.81 22.36
C LEU B 387 15.77 -42.88 23.15
N LEU B 388 16.54 -42.05 22.44
CA LEU B 388 17.49 -41.12 23.09
C LEU B 388 16.82 -39.98 23.86
N PHE B 389 15.61 -39.61 23.44
CA PHE B 389 14.81 -38.59 24.14
C PHE B 389 14.56 -38.93 25.62
N GLU B 390 14.43 -40.22 25.89
CA GLU B 390 14.07 -40.71 27.22
C GLU B 390 15.29 -40.99 28.10
N GLU B 391 16.26 -41.72 27.54
CA GLU B 391 17.43 -42.19 28.29
C GLU B 391 18.16 -41.08 29.05
N ASN B 392 18.31 -39.92 28.40
CA ASN B 392 19.03 -38.78 28.99
C ASN B 392 18.23 -38.01 30.05
N ASN B 393 16.92 -38.23 30.09
CA ASN B 393 16.02 -37.66 31.11
C ASN B 393 15.73 -36.16 30.95
N PHE B 394 14.58 -35.85 30.35
CA PHE B 394 14.03 -34.49 30.36
C PHE B 394 12.51 -34.51 30.08
N LYS B 395 11.86 -33.39 30.37
CA LYS B 395 10.40 -33.34 30.53
C LYS B 395 9.61 -33.21 29.24
N PRO B 396 8.32 -33.62 29.26
CA PRO B 396 7.41 -33.43 28.14
C PRO B 396 6.86 -31.99 28.08
N PHE B 397 6.05 -31.70 27.07
CA PHE B 397 5.46 -30.37 26.91
C PHE B 397 4.21 -30.20 27.77
N LYS B 398 4.15 -29.10 28.52
CA LYS B 398 3.01 -28.76 29.37
C LYS B 398 2.50 -27.37 28.99
N TYR B 399 1.40 -27.32 28.24
CA TYR B 399 0.82 -26.04 27.84
C TYR B 399 0.35 -25.26 29.06
N ASN B 400 0.56 -23.94 29.03
CA ASN B 400 0.16 -23.05 30.10
C ASN B 400 -0.77 -21.97 29.56
N ASP B 401 -2.07 -22.18 29.71
CA ASP B 401 -3.07 -21.28 29.13
C ASP B 401 -3.02 -19.92 29.82
N LEU B 402 -2.66 -18.89 29.04
CA LEU B 402 -2.51 -17.54 29.57
C LEU B 402 -3.82 -16.74 29.55
N GLY B 403 -4.80 -17.21 28.78
CA GLY B 403 -6.13 -16.59 28.74
C GLY B 403 -6.57 -16.20 27.33
N ALA B 404 -7.43 -15.18 27.24
CA ALA B 404 -8.00 -14.74 25.96
C ALA B 404 -8.22 -13.23 25.93
N LEU B 405 -8.22 -12.66 24.72
CA LEU B 405 -8.48 -11.25 24.50
C LEU B 405 -9.35 -11.05 23.25
N ALA B 406 -10.09 -9.95 23.19
CA ALA B 406 -10.99 -9.68 22.05
C ALA B 406 -11.47 -8.23 22.01
N TYR B 407 -11.14 -7.52 20.93
CA TYR B 407 -11.68 -6.18 20.69
C TYR B 407 -13.10 -6.29 20.15
N LEU B 408 -13.98 -5.42 20.63
CA LEU B 408 -15.41 -5.49 20.31
C LEU B 408 -15.94 -4.25 19.61
N GLY B 409 -15.06 -3.42 19.06
CA GLY B 409 -15.45 -2.18 18.42
C GLY B 409 -15.78 -1.08 19.42
N SER B 410 -15.70 0.18 18.95
CA SER B 410 -16.08 1.35 19.73
C SER B 410 -15.35 1.44 21.07
N GLU B 411 -14.05 1.18 21.05
CA GLU B 411 -13.20 1.36 22.22
C GLU B 411 -13.59 0.49 23.43
N ARG B 412 -14.02 -0.75 23.16
CA ARG B 412 -14.33 -1.70 24.23
C ARG B 412 -13.76 -3.08 23.88
N ALA B 413 -13.25 -3.77 24.90
CA ALA B 413 -12.68 -5.13 24.73
C ALA B 413 -12.94 -6.00 25.97
N ILE B 414 -12.81 -7.31 25.81
CA ILE B 414 -12.87 -8.24 26.95
C ILE B 414 -11.56 -8.99 27.11
N ALA B 415 -11.14 -9.20 28.36
CA ALA B 415 -9.87 -9.88 28.66
C ALA B 415 -10.00 -10.88 29.80
N THR B 416 -9.41 -12.06 29.62
CA THR B 416 -9.16 -12.99 30.72
C THR B 416 -7.70 -13.33 30.69
N ILE B 417 -7.02 -13.08 31.80
CA ILE B 417 -5.57 -13.27 31.90
C ILE B 417 -5.30 -14.20 33.08
N ARG B 418 -4.40 -15.17 32.87
CA ARG B 418 -4.09 -16.15 33.91
C ARG B 418 -2.79 -16.92 33.64
N SER B 419 -2.38 -17.70 34.63
CA SER B 419 -1.24 -18.59 34.50
C SER B 419 -1.52 -19.86 35.29
N GLY B 420 -1.88 -20.91 34.56
CA GLY B 420 -2.16 -22.21 35.16
C GLY B 420 -3.39 -22.14 36.04
N LYS B 421 -3.18 -22.06 37.34
CA LYS B 421 -4.28 -22.03 38.30
C LYS B 421 -4.85 -20.63 38.43
N ARG B 422 -4.05 -19.70 38.97
CA ARG B 422 -4.56 -18.39 39.36
C ARG B 422 -5.04 -17.59 38.15
N THR B 423 -6.00 -16.69 38.40
CA THR B 423 -6.54 -15.80 37.39
C THR B 423 -6.52 -14.38 37.91
N PHE B 424 -6.04 -13.44 37.10
CA PHE B 424 -5.99 -12.03 37.48
C PHE B 424 -6.08 -11.17 36.22
N TYR B 425 -7.07 -10.28 36.16
CA TYR B 425 -7.28 -9.46 34.96
C TYR B 425 -8.20 -8.26 35.19
N THR B 426 -8.32 -7.43 34.14
CA THR B 426 -9.33 -6.38 34.08
C THR B 426 -10.08 -6.54 32.75
N GLY B 427 -11.31 -7.08 32.80
CA GLY B 427 -12.00 -7.55 31.60
C GLY B 427 -13.36 -6.95 31.30
N GLY B 428 -13.55 -5.69 31.69
CA GLY B 428 -14.81 -4.98 31.46
C GLY B 428 -14.93 -4.41 30.07
N GLY B 429 -14.61 -3.14 29.91
CA GLY B 429 -14.81 -2.42 28.65
C GLY B 429 -13.67 -1.48 28.28
N LEU B 430 -13.82 -0.20 28.59
CA LEU B 430 -12.87 0.84 28.14
C LEU B 430 -11.48 0.66 28.69
N MET B 431 -11.37 0.32 29.97
CA MET B 431 -10.05 0.12 30.58
C MET B 431 -9.40 -1.14 30.00
N THR B 432 -10.21 -2.17 29.78
CA THR B 432 -9.75 -3.39 29.12
C THR B 432 -9.33 -3.12 27.68
N PHE B 433 -9.96 -2.14 27.03
CA PHE B 433 -9.54 -1.69 25.70
C PHE B 433 -8.11 -1.14 25.73
N TYR B 434 -7.76 -0.41 26.79
CA TYR B 434 -6.40 0.11 26.92
C TYR B 434 -5.40 -1.01 27.21
N LEU B 435 -5.75 -1.91 28.12
CA LEU B 435 -4.92 -3.09 28.40
C LEU B 435 -4.69 -3.87 27.11
N TRP B 436 -5.77 -4.05 26.36
CA TRP B 436 -5.74 -4.79 25.08
C TRP B 436 -4.70 -4.25 24.13
N ARG B 437 -4.64 -2.92 23.99
CA ARG B 437 -3.63 -2.29 23.15
C ARG B 437 -2.20 -2.56 23.64
N ILE B 438 -1.97 -2.36 24.94
CA ILE B 438 -0.64 -2.53 25.52
C ILE B 438 -0.10 -3.96 25.35
N LEU B 439 -0.94 -4.94 25.64
CA LEU B 439 -0.54 -6.34 25.52
C LEU B 439 -0.22 -6.69 24.08
N TYR B 440 -1.06 -6.26 23.15
CA TYR B 440 -0.83 -6.54 21.74
C TYR B 440 0.49 -5.92 21.27
N LEU B 441 0.71 -4.65 21.60
CA LEU B 441 2.01 -4.03 21.35
C LEU B 441 3.15 -4.86 21.93
N SER B 442 2.95 -5.38 23.14
CA SER B 442 4.01 -6.12 23.82
C SER B 442 4.33 -7.44 23.13
N MET B 443 3.33 -8.12 22.54
CA MET B 443 3.59 -9.44 21.95
C MET B 443 3.78 -9.46 20.42
N ILE B 444 3.95 -8.28 19.82
CA ILE B 444 4.47 -8.16 18.45
C ILE B 444 5.94 -8.57 18.46
N LEU B 445 6.36 -9.36 17.47
CA LEU B 445 7.69 -10.00 17.51
C LEU B 445 8.88 -9.12 17.10
N SER B 446 8.63 -7.92 16.55
CA SER B 446 9.71 -7.06 16.06
C SER B 446 9.51 -5.58 16.35
N ALA B 447 10.61 -4.86 16.53
CA ALA B 447 10.58 -3.44 16.89
C ALA B 447 10.03 -2.56 15.78
N ARG B 448 10.34 -2.90 14.52
CA ARG B 448 9.85 -2.13 13.37
C ARG B 448 8.33 -2.15 13.33
N SER B 449 7.76 -3.36 13.39
CA SER B 449 6.33 -3.52 13.35
C SER B 449 5.67 -2.83 14.54
N ARG B 450 6.37 -2.80 15.66
CA ARG B 450 5.83 -2.21 16.88
C ARG B 450 5.74 -0.68 16.81
N LEU B 451 6.76 -0.05 16.25
CA LEU B 451 6.73 1.39 16.01
C LEU B 451 5.68 1.77 14.97
N LYS B 452 5.60 0.98 13.90
CA LYS B 452 4.65 1.20 12.81
C LYS B 452 3.20 1.23 13.30
N VAL B 453 2.80 0.24 14.11
CA VAL B 453 1.43 0.20 14.63
C VAL B 453 1.20 1.30 15.65
N PHE B 454 2.23 1.63 16.43
CA PHE B 454 2.15 2.72 17.39
C PHE B 454 1.86 4.02 16.64
N PHE B 455 2.60 4.28 15.55
CA PHE B 455 2.38 5.48 14.72
C PHE B 455 1.00 5.46 14.05
N ASP B 456 0.59 4.31 13.54
CA ASP B 456 -0.73 4.18 12.96
C ASP B 456 -1.80 4.69 13.93
N TRP B 457 -1.69 4.25 15.19
CA TRP B 457 -2.62 4.63 16.26
C TRP B 457 -2.56 6.08 16.65
N ILE B 458 -1.35 6.64 16.76
CA ILE B 458 -1.23 8.08 17.02
C ILE B 458 -1.91 8.85 15.89
N LYS B 459 -1.61 8.46 14.65
CA LYS B 459 -2.22 9.09 13.49
C LYS B 459 -3.75 8.96 13.53
N LEU B 460 -4.23 7.78 13.92
CA LEU B 460 -5.67 7.50 14.01
C LEU B 460 -6.39 8.41 15.01
N ALA B 461 -5.69 8.80 16.07
CA ALA B 461 -6.26 9.70 17.06
C ALA B 461 -6.63 11.04 16.46
N PHE B 462 -5.76 11.57 15.59
CA PHE B 462 -5.94 12.94 15.08
C PHE B 462 -6.62 13.04 13.70
N PHE B 463 -6.48 12.01 12.86
CA PHE B 463 -6.86 12.16 11.44
C PHE B 463 -7.76 11.08 10.85
N LYS B 464 -7.93 9.96 11.55
CA LYS B 464 -8.85 8.90 11.11
C LYS B 464 -8.35 8.17 9.85
N ARG B 465 -9.00 7.07 9.50
CA ARG B 465 -8.37 6.03 8.68
C ARG B 465 -8.18 6.41 7.23
N ASP B 466 -7.08 5.94 6.64
CA ASP B 466 -6.92 5.94 5.20
C ASP B 466 -7.71 4.77 4.64
N PHE B 467 -8.66 5.06 3.73
CA PHE B 467 -9.45 4.01 3.09
C PHE B 467 -9.49 4.22 1.58
N PHE B 468 -8.35 3.99 0.93
CA PHE B 468 -8.22 4.10 -0.53
C PHE B 468 -8.46 2.74 -1.21
N LYS B 469 -9.20 2.73 -2.33
CA LYS B 469 -9.50 1.47 -3.02
C LYS B 469 -8.36 0.95 -3.90
N GLY B 470 -7.48 1.84 -4.36
CA GLY B 470 -6.35 1.43 -5.18
C GLY B 470 -5.05 1.26 -4.42
N LEU B 471 -5.09 1.28 -3.09
CA LEU B 471 -3.85 1.32 -2.31
C LEU B 471 -4.00 0.61 -0.97
PA FAD C . -1.00 19.08 -11.97
O1A FAD C . -0.46 19.56 -10.64
O2A FAD C . -0.28 18.01 -12.74
O5B FAD C . -2.50 18.57 -11.75
C5B FAD C . -3.25 18.24 -12.88
C4B FAD C . -4.57 17.66 -12.42
O4B FAD C . -5.46 17.56 -13.52
C3B FAD C . -4.39 16.27 -11.85
O3B FAD C . -5.09 16.16 -10.60
C2B FAD C . -4.99 15.34 -12.89
O2B FAD C . -5.60 14.21 -12.28
C1B FAD C . -6.01 16.24 -13.57
N9A FAD C . -6.34 15.90 -14.99
C8A FAD C . -5.50 15.48 -15.95
N7A FAD C . -6.18 15.29 -17.11
C5A FAD C . -7.46 15.61 -16.91
C6A FAD C . -8.71 15.65 -17.70
N6A FAD C . -8.71 15.29 -19.02
N1A FAD C . -9.84 16.06 -17.10
C2A FAD C . -9.87 16.43 -15.79
N3A FAD C . -8.76 16.41 -15.02
C4A FAD C . -7.56 16.03 -15.50
N1 FAD C . 7.40 21.81 -9.26
C2 FAD C . 8.07 22.59 -8.36
O2 FAD C . 7.86 23.83 -8.34
N3 FAD C . 8.93 22.08 -7.47
C4 FAD C . 9.22 20.77 -7.42
O4 FAD C . 10.02 20.30 -6.59
C4X FAD C . 8.55 19.85 -8.37
N5 FAD C . 8.79 18.53 -8.36
C5X FAD C . 8.17 17.71 -9.22
C6 FAD C . 8.46 16.35 -9.17
C7 FAD C . 7.85 15.46 -10.04
C7M FAD C . 8.15 13.99 -9.99
C8 FAD C . 6.88 15.99 -11.04
C8M FAD C . 6.22 15.03 -11.99
C9 FAD C . 6.59 17.35 -11.09
C9A FAD C . 7.20 18.25 -10.22
N10 FAD C . 6.94 19.66 -10.23
C10 FAD C . 7.61 20.47 -9.31
C1' FAD C . 6.02 20.30 -11.18
C2' FAD C . 4.59 20.35 -10.67
O2' FAD C . 4.17 19.05 -10.20
C3' FAD C . 3.68 20.83 -11.81
O3' FAD C . 4.24 21.99 -12.44
C4' FAD C . 2.28 21.16 -11.32
O4' FAD C . 1.62 19.92 -11.03
C5' FAD C . 1.45 21.93 -12.34
O5' FAD C . 0.21 22.24 -11.73
P FAD C . -1.15 21.90 -12.48
O1P FAD C . -2.30 22.07 -11.48
O2P FAD C . -1.09 22.70 -13.77
O3P FAD C . -1.13 20.35 -12.96
C1 UQ2 D . 11.33 24.88 -7.99
C2 UQ2 D . 11.44 24.24 -9.33
C3 UQ2 D . 11.82 22.80 -9.45
C4 UQ2 D . 12.08 22.01 -8.22
C5 UQ2 D . 11.98 22.66 -6.88
C6 UQ2 D . 11.60 24.08 -6.77
CM2 UQ2 D . 12.28 25.18 -11.40
CM3 UQ2 D . 10.76 21.61 -11.30
CM5 UQ2 D . 12.22 21.87 -5.63
C7 UQ2 D . 11.48 24.72 -5.40
C8 UQ2 D . 10.45 23.95 -4.61
C9 UQ2 D . 9.15 24.22 -4.78
C10 UQ2 D . 8.77 25.29 -5.76
C11 UQ2 D . 8.09 23.47 -4.01
C12 UQ2 D . 6.67 23.87 -4.46
C13 UQ2 D . 5.98 24.69 -3.39
C14 UQ2 D . 4.74 25.14 -3.55
C15 UQ2 D . 4.06 25.94 -2.48
C16 UQ2 D . 4.01 24.84 -4.83
O1 UQ2 D . 11.03 26.08 -7.89
O2 UQ2 D . 11.21 24.95 -10.47
O3 UQ2 D . 11.90 22.22 -10.70
O4 UQ2 D . 12.39 20.81 -8.30
PA FAD E . 0.46 -19.96 10.63
O1A FAD E . 0.84 -19.01 11.73
O2A FAD E . -0.80 -19.72 9.83
O5B FAD E . 1.68 -20.06 9.58
C5B FAD E . 1.66 -21.06 8.58
C4B FAD E . 2.77 -20.69 7.61
O4B FAD E . 3.01 -21.73 6.68
C3B FAD E . 2.43 -19.45 6.82
O3B FAD E . 3.50 -18.53 6.98
C2B FAD E . 2.25 -19.92 5.39
O2B FAD E . 2.76 -18.99 4.42
C1B FAD E . 3.04 -21.21 5.34
N9A FAD E . 2.52 -22.25 4.42
C8A FAD E . 1.24 -22.47 4.06
N7A FAD E . 1.17 -23.54 3.22
C5A FAD E . 2.41 -24.02 3.05
C6A FAD E . 3.03 -25.12 2.30
N6A FAD E . 2.28 -25.95 1.53
N1A FAD E . 4.37 -25.28 2.39
C2A FAD E . 5.12 -24.47 3.15
N3A FAD E . 4.61 -23.45 3.85
C4A FAD E . 3.29 -23.17 3.85
N1 FAD E . -4.59 -16.52 17.86
C2 FAD E . -4.51 -15.88 19.06
O2 FAD E . -4.02 -16.49 20.04
N3 FAD E . -4.92 -14.62 19.26
C4 FAD E . -5.46 -13.89 18.28
O4 FAD E . -5.85 -12.72 18.48
C4X FAD E . -5.60 -14.50 16.94
N5 FAD E . -6.13 -13.80 15.92
C5X FAD E . -6.25 -14.35 14.70
C6 FAD E . -6.80 -13.58 13.69
C7 FAD E . -6.95 -14.08 12.41
C7M FAD E . -7.56 -13.24 11.31
C8 FAD E . -6.51 -15.47 12.13
C8M FAD E . -6.68 -16.02 10.74
C9 FAD E . -5.95 -16.25 13.14
C9A FAD E . -5.79 -15.75 14.44
N10 FAD E . -5.21 -16.51 15.50
C10 FAD E . -5.12 -15.90 16.77
C1' FAD E . -4.76 -17.89 15.34
C2' FAD E . -3.31 -17.98 14.86
O2' FAD E . -3.09 -17.02 13.81
C3' FAD E . -2.99 -19.38 14.32
O3' FAD E . -3.51 -20.37 15.20
C4' FAD E . -1.48 -19.55 14.13
O4' FAD E . -1.09 -18.70 13.04
C5' FAD E . -1.06 -21.00 13.82
O5' FAD E . 0.36 -21.12 13.77
P FAD E . 1.06 -21.97 12.59
O1P FAD E . 2.52 -21.56 12.52
O2P FAD E . 0.64 -23.43 12.71
O3P FAD E . 0.38 -21.46 11.20
C1 UQ2 F . -6.23 -16.58 22.34
C2 UQ2 F . -7.22 -17.09 21.35
C3 UQ2 F . -8.02 -16.14 20.53
C4 UQ2 F . -7.82 -14.68 20.69
C5 UQ2 F . -6.83 -14.18 21.68
C6 UQ2 F . -6.03 -15.12 22.50
CM2 UQ2 F . -8.75 -18.96 21.19
CM3 UQ2 F . -8.50 -16.81 18.27
CM5 UQ2 F . -6.62 -12.69 21.83
C7 UQ2 F . -5.01 -14.57 23.49
C8 UQ2 F . -4.02 -13.70 22.76
C9 UQ2 F . -2.86 -14.21 22.29
C10 UQ2 F . -2.60 -15.66 22.50
C11 UQ2 F . -1.87 -13.32 21.57
C12 UQ2 F . -0.65 -14.09 21.05
C13 UQ2 F . 0.48 -14.06 22.06
C14 UQ2 F . 1.71 -14.55 21.77
C15 UQ2 F . 2.81 -14.53 22.78
C16 UQ2 F . 1.97 -15.12 20.41
O1 UQ2 F . -5.55 -17.38 23.02
O2 UQ2 F . -7.42 -18.44 21.17
O3 UQ2 F . -8.92 -16.61 19.62
O4 UQ2 F . -8.48 -13.87 20.01
#